data_2EP3
#
_entry.id   2EP3
#
loop_
_entity.id
_entity.type
_entity.pdbx_description
1 polymer 'Zinc finger protein 484'
2 non-polymer 'ZINC ION'
#
_entity_poly.entity_id   1
_entity_poly.type   'polypeptide(L)'
_entity_poly.pdbx_seq_one_letter_code
;GSSGSSGTGEKPYRCAECGKAFTDRSNLFTHQKIHTGEKPSGPSSG
;
_entity_poly.pdbx_strand_id   A
#
loop_
_chem_comp.id
_chem_comp.type
_chem_comp.name
_chem_comp.formula
ZN non-polymer 'ZINC ION' 'Zn 2'
#
# COMPACT_ATOMS: atom_id res chain seq x y z
N GLY A 1 -7.44 -21.53 7.24
CA GLY A 1 -7.79 -21.76 5.86
C GLY A 1 -6.58 -21.72 4.93
N SER A 2 -6.81 -22.02 3.65
CA SER A 2 -5.74 -22.01 2.66
C SER A 2 -5.48 -20.60 2.15
N SER A 3 -5.45 -19.64 3.06
CA SER A 3 -5.22 -18.25 2.69
C SER A 3 -3.72 -17.97 2.52
N GLY A 4 -3.40 -16.79 2.00
CA GLY A 4 -2.01 -16.42 1.80
C GLY A 4 -1.85 -15.29 0.80
N SER A 5 -0.82 -14.47 1.00
CA SER A 5 -0.56 -13.35 0.11
C SER A 5 0.26 -13.78 -1.10
N SER A 6 1.41 -14.41 -0.83
CA SER A 6 2.29 -14.87 -1.90
C SER A 6 1.49 -15.59 -2.98
N GLY A 7 1.54 -15.05 -4.19
CA GLY A 7 0.83 -15.65 -5.30
C GLY A 7 0.76 -14.73 -6.52
N THR A 8 -0.33 -13.98 -6.63
CA THR A 8 -0.51 -13.07 -7.75
C THR A 8 0.81 -12.41 -8.15
N GLY A 9 1.60 -12.04 -7.15
CA GLY A 9 2.88 -11.41 -7.42
C GLY A 9 3.83 -11.48 -6.24
N GLU A 10 5.12 -11.65 -6.53
CA GLU A 10 6.12 -11.74 -5.48
C GLU A 10 6.99 -10.48 -5.45
N LYS A 11 6.53 -9.48 -4.70
CA LYS A 11 7.27 -8.23 -4.58
C LYS A 11 8.02 -8.16 -3.26
N PRO A 12 9.19 -7.50 -3.27
CA PRO A 12 10.03 -7.34 -2.08
C PRO A 12 9.40 -6.41 -1.05
N TYR A 13 8.73 -5.37 -1.52
CA TYR A 13 8.09 -4.40 -0.65
C TYR A 13 6.59 -4.66 -0.55
N ARG A 14 5.98 -4.18 0.53
CA ARG A 14 4.54 -4.35 0.73
C ARG A 14 3.98 -3.23 1.60
N CYS A 15 2.78 -2.77 1.24
CA CYS A 15 2.12 -1.70 1.99
C CYS A 15 1.38 -2.25 3.21
N ALA A 16 1.89 -1.94 4.38
CA ALA A 16 1.27 -2.40 5.63
C ALA A 16 -0.05 -1.69 5.89
N GLU A 17 -0.39 -0.74 5.01
CA GLU A 17 -1.62 0.02 5.15
C GLU A 17 -2.77 -0.69 4.46
N CYS A 18 -2.63 -0.94 3.16
CA CYS A 18 -3.66 -1.62 2.39
C CYS A 18 -3.23 -3.05 2.05
N GLY A 19 -2.02 -3.19 1.55
CA GLY A 19 -1.51 -4.51 1.19
C GLY A 19 -1.10 -4.59 -0.27
N LYS A 20 -0.58 -3.49 -0.81
CA LYS A 20 -0.15 -3.44 -2.19
C LYS A 20 1.29 -3.92 -2.33
N ALA A 21 1.63 -4.45 -3.50
CA ALA A 21 2.98 -4.94 -3.76
C ALA A 21 3.74 -3.99 -4.68
N PHE A 22 5.02 -3.79 -4.38
CA PHE A 22 5.86 -2.91 -5.19
C PHE A 22 7.22 -3.54 -5.46
N THR A 23 7.82 -3.17 -6.59
CA THR A 23 9.11 -3.71 -6.97
C THR A 23 10.25 -2.91 -6.34
N ASP A 24 10.07 -1.59 -6.29
CA ASP A 24 11.08 -0.71 -5.71
C ASP A 24 10.47 0.18 -4.64
N ARG A 25 11.28 0.51 -3.63
CA ARG A 25 10.81 1.37 -2.53
C ARG A 25 10.20 2.66 -3.07
N SER A 26 10.99 3.41 -3.82
CA SER A 26 10.54 4.67 -4.39
C SER A 26 9.06 4.60 -4.77
N ASN A 27 8.67 3.49 -5.38
CA ASN A 27 7.29 3.29 -5.81
C ASN A 27 6.37 3.21 -4.58
N LEU A 28 6.76 2.42 -3.61
CA LEU A 28 5.97 2.26 -2.39
C LEU A 28 5.71 3.60 -1.73
N PHE A 29 6.77 4.33 -1.42
CA PHE A 29 6.65 5.64 -0.78
C PHE A 29 5.71 6.54 -1.57
N THR A 30 5.86 6.54 -2.89
CA THR A 30 5.03 7.36 -3.76
C THR A 30 3.55 7.04 -3.56
N HIS A 31 3.26 5.79 -3.25
CA HIS A 31 1.88 5.36 -3.03
C HIS A 31 1.41 5.75 -1.63
N GLN A 32 2.24 5.51 -0.64
CA GLN A 32 1.91 5.84 0.74
C GLN A 32 1.30 7.24 0.83
N LYS A 33 1.59 8.07 -0.16
CA LYS A 33 1.08 9.43 -0.19
C LYS A 33 -0.43 9.45 0.05
N ILE A 34 -1.14 8.57 -0.64
CA ILE A 34 -2.59 8.49 -0.50
C ILE A 34 -2.98 8.02 0.90
N HIS A 35 -2.01 7.49 1.63
CA HIS A 35 -2.25 6.99 2.98
C HIS A 35 -1.95 8.08 4.01
N THR A 36 -0.78 8.71 3.89
CA THR A 36 -0.37 9.76 4.80
C THR A 36 -0.90 11.11 4.35
N GLY A 37 -2.18 11.17 4.01
CA GLY A 37 -2.79 12.41 3.57
C GLY A 37 -4.30 12.38 3.64
N GLU A 38 -4.82 11.74 4.68
CA GLU A 38 -6.27 11.64 4.87
C GLU A 38 -6.62 11.52 6.35
N LYS A 39 -7.81 11.99 6.70
CA LYS A 39 -8.27 11.95 8.09
C LYS A 39 -8.00 10.57 8.71
N PRO A 40 -7.66 10.56 10.00
CA PRO A 40 -7.38 9.32 10.73
C PRO A 40 -8.63 8.49 10.96
N SER A 41 -8.44 7.28 11.48
CA SER A 41 -9.56 6.38 11.75
C SER A 41 -9.66 6.07 13.24
N GLY A 42 -10.70 5.33 13.61
CA GLY A 42 -10.90 4.98 15.00
C GLY A 42 -11.73 3.73 15.17
N PRO A 43 -11.42 2.94 16.21
CA PRO A 43 -12.12 1.69 16.50
C PRO A 43 -13.55 1.93 16.98
N SER A 44 -14.52 1.29 16.33
CA SER A 44 -15.92 1.44 16.69
C SER A 44 -16.21 2.86 17.16
N SER A 45 -15.72 3.84 16.41
CA SER A 45 -15.93 5.24 16.75
C SER A 45 -15.83 6.13 15.50
N GLY A 46 -16.93 6.79 15.18
CA GLY A 46 -16.96 7.66 14.02
C GLY A 46 -16.94 6.88 12.71
ZN ZN B . -1.22 1.20 0.46
N GLY A 1 -11.69 -17.15 3.10
CA GLY A 1 -10.43 -17.84 3.26
C GLY A 1 -9.25 -16.89 3.35
N SER A 2 -8.24 -17.12 2.52
CA SER A 2 -7.06 -16.27 2.50
C SER A 2 -6.38 -16.31 1.14
N SER A 3 -5.71 -15.21 0.80
CA SER A 3 -5.01 -15.11 -0.48
C SER A 3 -3.50 -15.02 -0.28
N GLY A 4 -2.75 -15.40 -1.31
CA GLY A 4 -1.30 -15.35 -1.23
C GLY A 4 -0.68 -16.74 -1.20
N SER A 5 0.54 -16.82 -0.68
CA SER A 5 1.25 -18.09 -0.61
C SER A 5 0.92 -18.98 -1.80
N SER A 6 0.87 -18.36 -2.99
CA SER A 6 0.56 -19.09 -4.21
C SER A 6 1.82 -19.71 -4.80
N GLY A 7 2.87 -18.90 -4.93
CA GLY A 7 4.12 -19.38 -5.48
C GLY A 7 5.15 -18.28 -5.62
N THR A 8 6.12 -18.49 -6.51
CA THR A 8 7.18 -17.51 -6.74
C THR A 8 6.76 -16.48 -7.78
N GLY A 9 6.79 -15.21 -7.39
CA GLY A 9 6.41 -14.15 -8.30
C GLY A 9 5.72 -12.99 -7.60
N GLU A 10 6.34 -12.50 -6.53
CA GLU A 10 5.77 -11.40 -5.76
C GLU A 10 6.79 -10.27 -5.61
N LYS A 11 6.37 -9.19 -4.94
CA LYS A 11 7.25 -8.04 -4.72
C LYS A 11 7.77 -8.02 -3.29
N PRO A 12 9.03 -7.59 -3.13
CA PRO A 12 9.67 -7.50 -1.82
C PRO A 12 9.07 -6.40 -0.95
N TYR A 13 8.74 -5.28 -1.56
CA TYR A 13 8.16 -4.15 -0.84
C TYR A 13 6.64 -4.21 -0.86
N ARG A 14 6.02 -3.96 0.28
CA ARG A 14 4.57 -3.98 0.38
C ARG A 14 4.06 -2.88 1.31
N CYS A 15 2.86 -2.37 1.04
CA CYS A 15 2.28 -1.32 1.85
C CYS A 15 1.67 -1.89 3.13
N ALA A 16 2.16 -1.42 4.27
CA ALA A 16 1.67 -1.87 5.56
C ALA A 16 0.41 -1.12 5.98
N GLU A 17 -0.37 -0.70 4.98
CA GLU A 17 -1.60 0.04 5.25
C GLU A 17 -2.79 -0.62 4.56
N CYS A 18 -2.62 -0.97 3.29
CA CYS A 18 -3.67 -1.61 2.51
C CYS A 18 -3.25 -3.01 2.08
N GLY A 19 -2.06 -3.11 1.48
CA GLY A 19 -1.57 -4.39 1.01
C GLY A 19 -1.13 -4.35 -0.42
N LYS A 20 -0.52 -3.24 -0.84
CA LYS A 20 -0.05 -3.09 -2.21
C LYS A 20 1.34 -3.67 -2.38
N ALA A 21 1.66 -4.08 -3.61
CA ALA A 21 2.97 -4.65 -3.89
C ALA A 21 3.83 -3.69 -4.72
N PHE A 22 5.12 -3.67 -4.43
CA PHE A 22 6.05 -2.79 -5.15
C PHE A 22 7.42 -3.44 -5.27
N THR A 23 7.96 -3.44 -6.49
CA THR A 23 9.27 -4.02 -6.74
C THR A 23 10.39 -3.14 -6.19
N ASP A 24 10.12 -1.85 -6.12
CA ASP A 24 11.10 -0.89 -5.61
C ASP A 24 10.46 0.08 -4.63
N ARG A 25 10.94 0.07 -3.39
CA ARG A 25 10.40 0.96 -2.35
C ARG A 25 10.08 2.33 -2.93
N SER A 26 10.94 2.83 -3.80
CA SER A 26 10.75 4.14 -4.42
C SER A 26 9.28 4.36 -4.77
N ASN A 27 8.67 3.36 -5.39
CA ASN A 27 7.27 3.44 -5.78
C ASN A 27 6.36 3.35 -4.55
N LEU A 28 6.71 2.46 -3.62
CA LEU A 28 5.93 2.28 -2.41
C LEU A 28 5.74 3.60 -1.67
N PHE A 29 6.82 4.38 -1.57
CA PHE A 29 6.77 5.67 -0.90
C PHE A 29 5.76 6.59 -1.57
N THR A 30 5.74 6.58 -2.90
CA THR A 30 4.81 7.41 -3.65
C THR A 30 3.36 7.02 -3.39
N HIS A 31 3.11 5.71 -3.35
CA HIS A 31 1.77 5.20 -3.09
C HIS A 31 1.33 5.50 -1.67
N GLN A 32 2.17 5.15 -0.71
CA GLN A 32 1.87 5.37 0.69
C GLN A 32 1.25 6.75 0.90
N LYS A 33 1.52 7.66 -0.01
CA LYS A 33 1.00 9.03 0.07
C LYS A 33 -0.52 9.00 0.26
N ILE A 34 -1.20 8.19 -0.54
CA ILE A 34 -2.65 8.07 -0.46
C ILE A 34 -3.10 7.87 0.98
N HIS A 35 -2.21 7.35 1.81
CA HIS A 35 -2.51 7.12 3.22
C HIS A 35 -2.16 8.32 4.07
N THR A 36 -0.87 8.62 4.18
CA THR A 36 -0.40 9.75 4.96
C THR A 36 -0.88 11.07 4.37
N GLY A 37 -1.68 11.80 5.14
CA GLY A 37 -2.19 13.07 4.67
C GLY A 37 -2.30 14.11 5.78
N GLU A 38 -3.44 14.78 5.85
CA GLU A 38 -3.66 15.80 6.87
C GLU A 38 -5.04 15.64 7.51
N LYS A 39 -5.28 16.39 8.58
CA LYS A 39 -6.55 16.33 9.28
C LYS A 39 -7.52 17.37 8.74
N PRO A 40 -8.82 17.03 8.69
CA PRO A 40 -9.86 17.92 8.21
C PRO A 40 -10.12 19.09 9.15
N SER A 41 -9.41 19.09 10.28
CA SER A 41 -9.57 20.16 11.27
C SER A 41 -9.53 21.52 10.61
N GLY A 42 -8.51 21.74 9.79
CA GLY A 42 -8.37 23.02 9.10
C GLY A 42 -7.38 22.97 7.97
N PRO A 43 -7.83 22.50 6.79
CA PRO A 43 -6.99 22.39 5.60
C PRO A 43 -6.62 23.75 5.03
N SER A 44 -7.03 24.81 5.70
CA SER A 44 -6.75 26.17 5.26
C SER A 44 -7.23 26.39 3.82
N SER A 45 -8.43 25.89 3.54
CA SER A 45 -9.01 26.03 2.20
C SER A 45 -10.43 26.60 2.29
N GLY A 46 -10.51 27.92 2.45
CA GLY A 46 -11.80 28.57 2.53
C GLY A 46 -12.44 28.80 1.17
ZN ZN B . -1.38 1.45 0.75
N GLY A 1 -1.00 -14.87 7.17
CA GLY A 1 -1.47 -16.10 6.55
C GLY A 1 -2.64 -15.88 5.61
N SER A 2 -2.38 -15.23 4.49
CA SER A 2 -3.42 -14.94 3.50
C SER A 2 -2.81 -14.81 2.11
N SER A 3 -3.68 -14.81 1.11
CA SER A 3 -3.23 -14.69 -0.28
C SER A 3 -2.35 -15.87 -0.68
N GLY A 4 -2.76 -17.07 -0.30
CA GLY A 4 -1.99 -18.26 -0.61
C GLY A 4 -2.40 -18.88 -1.93
N SER A 5 -2.23 -18.13 -3.02
CA SER A 5 -2.60 -18.61 -4.34
C SER A 5 -1.36 -18.83 -5.20
N SER A 6 -1.52 -19.61 -6.27
CA SER A 6 -0.41 -19.91 -7.17
C SER A 6 0.15 -18.62 -7.79
N GLY A 7 1.39 -18.69 -8.26
CA GLY A 7 2.01 -17.53 -8.87
C GLY A 7 3.38 -17.23 -8.29
N THR A 8 4.38 -17.10 -9.17
CA THR A 8 5.74 -16.82 -8.74
C THR A 8 6.06 -15.34 -8.88
N GLY A 9 5.10 -14.49 -8.53
CA GLY A 9 5.30 -13.06 -8.61
C GLY A 9 5.11 -12.36 -7.28
N GLU A 10 6.07 -12.56 -6.38
CA GLU A 10 6.00 -11.94 -5.05
C GLU A 10 6.96 -10.76 -4.95
N LYS A 11 6.41 -9.57 -4.72
CA LYS A 11 7.22 -8.37 -4.61
C LYS A 11 7.87 -8.28 -3.23
N PRO A 12 9.11 -7.76 -3.19
CA PRO A 12 9.85 -7.60 -1.93
C PRO A 12 9.27 -6.52 -1.03
N TYR A 13 8.71 -5.48 -1.65
CA TYR A 13 8.11 -4.38 -0.90
C TYR A 13 6.59 -4.49 -0.89
N ARG A 14 5.99 -4.11 0.23
CA ARG A 14 4.53 -4.17 0.37
C ARG A 14 4.04 -3.08 1.32
N CYS A 15 2.77 -2.70 1.17
CA CYS A 15 2.18 -1.67 2.01
C CYS A 15 1.48 -2.30 3.21
N ALA A 16 1.77 -1.76 4.40
CA ALA A 16 1.15 -2.26 5.63
C ALA A 16 -0.19 -1.60 5.88
N GLU A 17 -0.55 -0.66 5.02
CA GLU A 17 -1.82 0.06 5.17
C GLU A 17 -2.94 -0.68 4.43
N CYS A 18 -2.77 -0.86 3.12
CA CYS A 18 -3.76 -1.54 2.31
C CYS A 18 -3.30 -2.96 1.96
N GLY A 19 -2.07 -3.06 1.47
CA GLY A 19 -1.53 -4.36 1.10
C GLY A 19 -1.14 -4.43 -0.36
N LYS A 20 -0.55 -3.35 -0.87
CA LYS A 20 -0.13 -3.29 -2.26
C LYS A 20 1.31 -3.80 -2.42
N ALA A 21 1.60 -4.38 -3.58
CA ALA A 21 2.93 -4.90 -3.85
C ALA A 21 3.75 -3.91 -4.68
N PHE A 22 5.03 -3.78 -4.34
CA PHE A 22 5.92 -2.87 -5.05
C PHE A 22 7.26 -3.53 -5.34
N THR A 23 7.87 -3.16 -6.46
CA THR A 23 9.16 -3.71 -6.85
C THR A 23 10.31 -2.82 -6.39
N ASP A 24 10.00 -1.56 -6.13
CA ASP A 24 11.01 -0.59 -5.69
C ASP A 24 10.44 0.31 -4.59
N ARG A 25 11.26 0.58 -3.58
CA ARG A 25 10.84 1.44 -2.47
C ARG A 25 10.24 2.74 -2.99
N SER A 26 11.00 3.44 -3.84
CA SER A 26 10.55 4.70 -4.39
C SER A 26 9.06 4.64 -4.77
N ASN A 27 8.71 3.64 -5.56
CA ASN A 27 7.33 3.47 -5.99
C ASN A 27 6.39 3.33 -4.79
N LEU A 28 6.82 2.56 -3.80
CA LEU A 28 6.03 2.35 -2.60
C LEU A 28 5.80 3.67 -1.86
N PHE A 29 6.90 4.41 -1.66
CA PHE A 29 6.83 5.69 -0.96
C PHE A 29 5.80 6.61 -1.61
N THR A 30 5.82 6.66 -2.95
CA THR A 30 4.90 7.50 -3.71
C THR A 30 3.45 7.10 -3.44
N HIS A 31 3.22 5.80 -3.32
CA HIS A 31 1.88 5.28 -3.07
C HIS A 31 1.42 5.62 -1.65
N GLN A 32 2.29 5.37 -0.68
CA GLN A 32 1.97 5.66 0.72
C GLN A 32 1.33 7.03 0.86
N LYS A 33 1.57 7.90 -0.12
CA LYS A 33 1.02 9.25 -0.10
C LYS A 33 -0.47 9.22 0.22
N ILE A 34 -1.20 8.33 -0.45
CA ILE A 34 -2.64 8.22 -0.22
C ILE A 34 -2.94 7.91 1.24
N HIS A 35 -1.96 7.33 1.94
CA HIS A 35 -2.13 6.99 3.35
C HIS A 35 -1.61 8.12 4.25
N THR A 36 -1.72 9.35 3.76
CA THR A 36 -1.27 10.51 4.52
C THR A 36 -1.65 11.81 3.80
N GLY A 37 -2.14 12.78 4.58
CA GLY A 37 -2.53 14.05 4.00
C GLY A 37 -2.88 15.08 5.07
N GLU A 38 -2.00 15.21 6.07
CA GLU A 38 -2.23 16.15 7.15
C GLU A 38 -1.10 17.19 7.21
N LYS A 39 -1.41 18.42 6.82
CA LYS A 39 -0.43 19.50 6.82
C LYS A 39 -0.82 20.59 7.81
N PRO A 40 -0.58 20.34 9.10
CA PRO A 40 -0.91 21.30 10.16
C PRO A 40 -0.01 22.53 10.13
N SER A 41 0.95 22.53 9.21
CA SER A 41 1.88 23.65 9.08
C SER A 41 1.29 24.74 8.19
N GLY A 42 0.01 25.04 8.41
CA GLY A 42 -0.65 26.07 7.63
C GLY A 42 -1.56 25.49 6.56
N PRO A 43 -2.65 24.83 7.00
CA PRO A 43 -3.62 24.21 6.09
C PRO A 43 -4.44 25.25 5.33
N SER A 44 -4.27 26.52 5.70
CA SER A 44 -4.99 27.60 5.06
C SER A 44 -4.05 28.50 4.26
N SER A 45 -4.61 29.29 3.37
CA SER A 45 -3.82 30.19 2.54
C SER A 45 -2.72 30.84 3.36
N GLY A 46 -1.48 30.43 3.09
CA GLY A 46 -0.35 30.99 3.82
C GLY A 46 -0.36 30.63 5.28
ZN ZN B . -1.23 1.31 0.76
N GLY A 1 -8.94 -23.37 4.20
CA GLY A 1 -7.69 -23.07 3.54
C GLY A 1 -7.22 -21.65 3.81
N SER A 2 -7.20 -21.27 5.09
CA SER A 2 -6.78 -19.92 5.47
C SER A 2 -5.66 -19.98 6.52
N SER A 3 -4.88 -18.91 6.59
CA SER A 3 -3.78 -18.84 7.54
C SER A 3 -2.98 -20.14 7.55
N GLY A 4 -2.71 -20.67 6.36
CA GLY A 4 -1.97 -21.92 6.25
C GLY A 4 -0.82 -21.81 5.26
N SER A 5 -1.00 -22.36 4.07
CA SER A 5 0.03 -22.34 3.04
C SER A 5 0.41 -20.90 2.70
N SER A 6 1.41 -20.76 1.84
CA SER A 6 1.88 -19.43 1.43
C SER A 6 2.01 -19.35 -0.09
N GLY A 7 2.05 -18.13 -0.61
CA GLY A 7 2.17 -17.93 -2.04
C GLY A 7 2.05 -16.48 -2.44
N THR A 8 0.85 -15.91 -2.24
CA THR A 8 0.60 -14.51 -2.60
C THR A 8 1.73 -13.62 -2.12
N GLY A 9 2.29 -12.84 -3.04
CA GLY A 9 3.39 -11.95 -2.70
C GLY A 9 4.64 -12.24 -3.48
N GLU A 10 4.81 -11.55 -4.60
CA GLU A 10 5.98 -11.74 -5.45
C GLU A 10 6.99 -10.60 -5.26
N LYS A 11 6.47 -9.39 -5.07
CA LYS A 11 7.32 -8.22 -4.87
C LYS A 11 7.86 -8.17 -3.44
N PRO A 12 9.11 -7.72 -3.29
CA PRO A 12 9.76 -7.60 -1.99
C PRO A 12 9.15 -6.51 -1.11
N TYR A 13 8.75 -5.42 -1.75
CA TYR A 13 8.14 -4.30 -1.03
C TYR A 13 6.62 -4.44 -0.99
N ARG A 14 6.04 -4.13 0.17
CA ARG A 14 4.60 -4.21 0.34
C ARG A 14 4.10 -3.11 1.27
N CYS A 15 2.91 -2.58 0.96
CA CYS A 15 2.32 -1.52 1.76
C CYS A 15 1.74 -2.07 3.06
N ALA A 16 2.18 -1.52 4.18
CA ALA A 16 1.72 -1.96 5.49
C ALA A 16 0.45 -1.21 5.90
N GLU A 17 -0.24 -0.64 4.91
CA GLU A 17 -1.47 0.10 5.16
C GLU A 17 -2.66 -0.56 4.46
N CYS A 18 -2.50 -0.86 3.18
CA CYS A 18 -3.56 -1.48 2.40
C CYS A 18 -3.21 -2.93 2.09
N GLY A 19 -2.01 -3.16 1.58
CA GLY A 19 -1.59 -4.51 1.24
C GLY A 19 -1.26 -4.66 -0.23
N LYS A 20 -0.55 -3.70 -0.79
CA LYS A 20 -0.18 -3.73 -2.19
C LYS A 20 1.30 -4.10 -2.36
N ALA A 21 1.66 -4.54 -3.55
CA ALA A 21 3.04 -4.93 -3.84
C ALA A 21 3.75 -3.85 -4.67
N PHE A 22 5.07 -3.79 -4.53
CA PHE A 22 5.86 -2.81 -5.26
C PHE A 22 7.24 -3.37 -5.62
N THR A 23 7.74 -2.99 -6.78
CA THR A 23 9.05 -3.46 -7.24
C THR A 23 10.17 -2.79 -6.48
N ASP A 24 10.05 -1.48 -6.28
CA ASP A 24 11.06 -0.72 -5.56
C ASP A 24 10.44 0.05 -4.40
N ARG A 25 11.24 0.34 -3.39
CA ARG A 25 10.77 1.07 -2.22
C ARG A 25 10.28 2.47 -2.60
N SER A 26 10.94 3.06 -3.59
CA SER A 26 10.58 4.40 -4.06
C SER A 26 9.11 4.44 -4.49
N ASN A 27 8.73 3.50 -5.35
CA ASN A 27 7.36 3.43 -5.85
C ASN A 27 6.38 3.28 -4.70
N LEU A 28 6.78 2.54 -3.67
CA LEU A 28 5.93 2.33 -2.50
C LEU A 28 5.71 3.63 -1.74
N PHE A 29 6.80 4.30 -1.38
CA PHE A 29 6.73 5.55 -0.65
C PHE A 29 5.79 6.54 -1.34
N THR A 30 5.93 6.64 -2.66
CA THR A 30 5.09 7.54 -3.45
C THR A 30 3.62 7.17 -3.34
N HIS A 31 3.36 5.87 -3.21
CA HIS A 31 1.99 5.39 -3.09
C HIS A 31 1.41 5.70 -1.72
N GLN A 32 2.17 5.36 -0.68
CA GLN A 32 1.73 5.61 0.69
C GLN A 32 1.13 7.00 0.83
N LYS A 33 1.49 7.89 -0.08
CA LYS A 33 0.99 9.26 -0.07
C LYS A 33 -0.53 9.27 0.07
N ILE A 34 -1.19 8.36 -0.63
CA ILE A 34 -2.65 8.26 -0.59
C ILE A 34 -3.13 7.92 0.82
N HIS A 35 -2.27 7.27 1.60
CA HIS A 35 -2.61 6.88 2.96
C HIS A 35 -2.46 8.05 3.92
N THR A 36 -1.21 8.39 4.24
CA THR A 36 -0.93 9.50 5.15
C THR A 36 -1.74 10.74 4.78
N GLY A 37 -1.90 10.96 3.48
CA GLY A 37 -2.66 12.11 3.02
C GLY A 37 -2.42 13.34 3.87
N GLU A 38 -3.47 14.14 4.05
CA GLU A 38 -3.38 15.35 4.86
C GLU A 38 -4.41 15.35 5.98
N LYS A 39 -4.14 16.10 7.04
CA LYS A 39 -5.05 16.19 8.17
C LYS A 39 -5.28 17.64 8.58
N PRO A 40 -6.51 17.94 9.00
CA PRO A 40 -6.89 19.30 9.42
C PRO A 40 -6.23 19.71 10.73
N SER A 41 -5.73 20.93 10.78
CA SER A 41 -5.07 21.43 11.99
C SER A 41 -6.01 22.30 12.81
N GLY A 42 -6.92 21.65 13.53
CA GLY A 42 -7.88 22.37 14.35
C GLY A 42 -9.26 22.40 13.74
N PRO A 43 -10.09 23.38 14.15
CA PRO A 43 -11.45 23.53 13.65
C PRO A 43 -11.49 23.97 12.18
N SER A 44 -10.31 24.21 11.61
CA SER A 44 -10.22 24.65 10.22
C SER A 44 -10.17 23.44 9.29
N SER A 45 -10.90 23.53 8.18
CA SER A 45 -10.94 22.45 7.20
C SER A 45 -10.42 22.92 5.85
N GLY A 46 -9.31 23.66 5.88
CA GLY A 46 -8.72 24.16 4.65
C GLY A 46 -9.42 25.40 4.13
ZN ZN B . -1.16 1.49 0.37
N GLY A 1 -15.28 -7.56 -11.01
CA GLY A 1 -14.65 -8.87 -10.95
C GLY A 1 -13.17 -8.78 -10.62
N SER A 2 -12.78 -9.39 -9.50
CA SER A 2 -11.38 -9.38 -9.06
C SER A 2 -10.69 -10.68 -9.45
N SER A 3 -9.78 -10.60 -10.40
CA SER A 3 -9.04 -11.76 -10.86
C SER A 3 -7.54 -11.47 -10.94
N GLY A 4 -6.73 -12.48 -10.63
CA GLY A 4 -5.29 -12.31 -10.68
C GLY A 4 -4.55 -13.63 -10.76
N SER A 5 -3.44 -13.73 -10.03
CA SER A 5 -2.63 -14.95 -10.04
C SER A 5 -2.55 -15.54 -8.64
N SER A 6 -2.29 -16.85 -8.57
CA SER A 6 -2.19 -17.55 -7.29
C SER A 6 -1.54 -16.65 -6.24
N GLY A 7 -0.41 -16.06 -6.59
CA GLY A 7 0.30 -15.19 -5.65
C GLY A 7 -0.12 -13.74 -5.81
N THR A 8 -0.62 -13.16 -4.71
CA THR A 8 -1.06 -11.78 -4.72
C THR A 8 0.07 -10.84 -5.13
N GLY A 9 1.18 -10.91 -4.42
CA GLY A 9 2.33 -10.07 -4.72
C GLY A 9 3.64 -10.73 -4.36
N GLU A 10 4.48 -10.98 -5.37
CA GLU A 10 5.77 -11.61 -5.14
C GLU A 10 6.89 -10.56 -5.12
N LYS A 11 6.54 -9.35 -4.71
CA LYS A 11 7.50 -8.25 -4.63
C LYS A 11 8.10 -8.17 -3.23
N PRO A 12 9.32 -7.60 -3.14
CA PRO A 12 10.02 -7.45 -1.87
C PRO A 12 9.37 -6.39 -0.97
N TYR A 13 8.78 -5.38 -1.60
CA TYR A 13 8.12 -4.31 -0.85
C TYR A 13 6.61 -4.53 -0.81
N ARG A 14 5.97 -4.03 0.24
CA ARG A 14 4.54 -4.17 0.41
C ARG A 14 3.98 -3.06 1.29
N CYS A 15 2.76 -2.62 1.00
CA CYS A 15 2.11 -1.57 1.76
C CYS A 15 1.42 -2.13 2.99
N ALA A 16 1.92 -1.76 4.17
CA ALA A 16 1.34 -2.24 5.43
C ALA A 16 -0.02 -1.59 5.68
N GLU A 17 -0.37 -0.62 4.84
CA GLU A 17 -1.65 0.07 4.99
C GLU A 17 -2.78 -0.72 4.34
N CYS A 18 -2.67 -0.93 3.03
CA CYS A 18 -3.68 -1.67 2.28
C CYS A 18 -3.21 -3.09 2.01
N GLY A 19 -1.98 -3.23 1.51
CA GLY A 19 -1.44 -4.54 1.21
C GLY A 19 -0.98 -4.65 -0.23
N LYS A 20 -0.67 -3.52 -0.85
CA LYS A 20 -0.21 -3.50 -2.23
C LYS A 20 1.23 -3.95 -2.34
N ALA A 21 1.65 -4.34 -3.54
CA ALA A 21 3.01 -4.79 -3.77
C ALA A 21 3.79 -3.78 -4.62
N PHE A 22 5.09 -3.70 -4.39
CA PHE A 22 5.94 -2.78 -5.13
C PHE A 22 7.33 -3.38 -5.36
N THR A 23 7.83 -3.24 -6.59
CA THR A 23 9.15 -3.77 -6.93
C THR A 23 10.26 -2.93 -6.30
N ASP A 24 10.08 -1.62 -6.32
CA ASP A 24 11.07 -0.71 -5.76
C ASP A 24 10.47 0.12 -4.63
N ARG A 25 11.25 0.38 -3.60
CA ARG A 25 10.80 1.17 -2.45
C ARG A 25 10.28 2.54 -2.91
N SER A 26 11.12 3.25 -3.65
CA SER A 26 10.76 4.58 -4.14
C SER A 26 9.30 4.61 -4.60
N ASN A 27 8.88 3.56 -5.30
CA ASN A 27 7.51 3.46 -5.80
C ASN A 27 6.52 3.37 -4.64
N LEU A 28 6.78 2.44 -3.72
CA LEU A 28 5.90 2.24 -2.57
C LEU A 28 5.64 3.56 -1.86
N PHE A 29 6.70 4.34 -1.63
CA PHE A 29 6.57 5.63 -0.96
C PHE A 29 5.58 6.52 -1.69
N THR A 30 5.70 6.58 -3.02
CA THR A 30 4.82 7.40 -3.84
C THR A 30 3.36 7.02 -3.62
N HIS A 31 3.12 5.74 -3.36
CA HIS A 31 1.77 5.25 -3.13
C HIS A 31 1.31 5.56 -1.70
N GLN A 32 2.21 5.35 -0.74
CA GLN A 32 1.90 5.60 0.66
C GLN A 32 1.32 7.00 0.84
N LYS A 33 1.52 7.86 -0.15
CA LYS A 33 1.03 9.23 -0.10
C LYS A 33 -0.46 9.26 0.23
N ILE A 34 -1.22 8.40 -0.44
CA ILE A 34 -2.67 8.32 -0.20
C ILE A 34 -2.97 7.87 1.22
N HIS A 35 -1.95 7.39 1.92
CA HIS A 35 -2.10 6.93 3.29
C HIS A 35 -1.66 8.00 4.29
N THR A 36 -0.47 8.55 4.05
CA THR A 36 0.07 9.58 4.92
C THR A 36 -0.34 10.97 4.46
N GLY A 37 -0.97 11.73 5.35
CA GLY A 37 -1.40 13.07 5.02
C GLY A 37 -2.84 13.32 5.39
N GLU A 38 -3.38 14.46 4.96
CA GLU A 38 -4.76 14.82 5.26
C GLU A 38 -5.49 15.32 4.01
N LYS A 39 -6.69 14.82 3.79
CA LYS A 39 -7.49 15.21 2.64
C LYS A 39 -8.65 16.10 3.05
N PRO A 40 -8.99 17.08 2.20
CA PRO A 40 -10.09 18.02 2.46
C PRO A 40 -11.45 17.33 2.36
N SER A 41 -12.11 17.19 3.51
CA SER A 41 -13.43 16.55 3.56
C SER A 41 -14.33 17.09 2.46
N GLY A 42 -14.66 18.38 2.54
CA GLY A 42 -15.51 18.99 1.54
C GLY A 42 -15.65 20.49 1.73
N PRO A 43 -15.77 21.22 0.62
CA PRO A 43 -15.91 22.68 0.64
C PRO A 43 -17.25 23.13 1.22
N SER A 44 -18.08 22.17 1.59
CA SER A 44 -19.40 22.46 2.15
C SER A 44 -19.54 21.85 3.53
N SER A 45 -20.69 22.10 4.17
CA SER A 45 -20.95 21.58 5.51
C SER A 45 -22.45 21.39 5.72
N GLY A 46 -22.88 20.15 5.89
CA GLY A 46 -24.28 19.86 6.11
C GLY A 46 -24.63 18.41 5.84
ZN ZN B . -1.40 1.32 0.35
N GLY A 1 -15.83 -19.57 -2.22
CA GLY A 1 -15.30 -18.41 -2.93
C GLY A 1 -13.82 -18.55 -3.23
N SER A 2 -13.49 -18.67 -4.52
CA SER A 2 -12.10 -18.81 -4.93
C SER A 2 -11.93 -18.41 -6.40
N SER A 3 -10.83 -17.71 -6.69
CA SER A 3 -10.55 -17.27 -8.05
C SER A 3 -9.07 -17.46 -8.39
N GLY A 4 -8.76 -17.35 -9.67
CA GLY A 4 -7.38 -17.51 -10.12
C GLY A 4 -6.53 -16.30 -9.80
N SER A 5 -6.12 -16.17 -8.56
CA SER A 5 -5.29 -15.04 -8.13
C SER A 5 -3.83 -15.46 -7.99
N SER A 6 -3.02 -15.16 -9.00
CA SER A 6 -1.61 -15.50 -8.98
C SER A 6 -0.75 -14.25 -8.95
N GLY A 7 0.25 -14.24 -8.07
CA GLY A 7 1.13 -13.09 -7.95
C GLY A 7 0.70 -12.13 -6.88
N THR A 8 0.32 -12.67 -5.72
CA THR A 8 -0.12 -11.84 -4.60
C THR A 8 0.85 -11.93 -3.44
N GLY A 9 2.15 -11.93 -3.75
CA GLY A 9 3.16 -12.01 -2.71
C GLY A 9 4.53 -12.35 -3.26
N GLU A 10 4.93 -11.64 -4.31
CA GLU A 10 6.23 -11.89 -4.94
C GLU A 10 7.13 -10.67 -4.80
N LYS A 11 6.53 -9.49 -4.80
CA LYS A 11 7.27 -8.23 -4.68
C LYS A 11 7.94 -8.14 -3.31
N PRO A 12 9.14 -7.55 -3.27
CA PRO A 12 9.90 -7.37 -2.03
C PRO A 12 9.27 -6.34 -1.11
N TYR A 13 8.49 -5.44 -1.68
CA TYR A 13 7.83 -4.40 -0.91
C TYR A 13 6.32 -4.61 -0.87
N ARG A 14 5.67 -4.04 0.12
CA ARG A 14 4.23 -4.17 0.28
C ARG A 14 3.67 -3.10 1.21
N CYS A 15 2.59 -2.46 0.80
CA CYS A 15 1.96 -1.41 1.60
C CYS A 15 1.34 -2.00 2.87
N ALA A 16 1.99 -1.78 4.00
CA ALA A 16 1.49 -2.28 5.27
C ALA A 16 0.14 -1.67 5.63
N GLU A 17 -0.26 -0.65 4.86
CA GLU A 17 -1.53 0.02 5.10
C GLU A 17 -2.68 -0.74 4.45
N CYS A 18 -2.62 -0.86 3.12
CA CYS A 18 -3.65 -1.57 2.38
C CYS A 18 -3.24 -3.01 2.08
N GLY A 19 -2.01 -3.17 1.59
CA GLY A 19 -1.51 -4.49 1.28
C GLY A 19 -1.15 -4.65 -0.18
N LYS A 20 -0.67 -3.57 -0.79
CA LYS A 20 -0.28 -3.58 -2.19
C LYS A 20 1.11 -4.20 -2.37
N ALA A 21 1.57 -4.24 -3.62
CA ALA A 21 2.88 -4.80 -3.92
C ALA A 21 3.70 -3.86 -4.80
N PHE A 22 4.96 -3.68 -4.45
CA PHE A 22 5.84 -2.80 -5.22
C PHE A 22 7.21 -3.45 -5.41
N THR A 23 7.87 -3.09 -6.50
CA THR A 23 9.20 -3.64 -6.81
C THR A 23 10.29 -2.82 -6.14
N ASP A 24 10.17 -1.49 -6.23
CA ASP A 24 11.16 -0.60 -5.63
C ASP A 24 10.52 0.27 -4.54
N ARG A 25 11.29 0.58 -3.51
CA ARG A 25 10.80 1.40 -2.41
C ARG A 25 10.27 2.74 -2.91
N SER A 26 11.05 3.40 -3.75
CA SER A 26 10.66 4.69 -4.31
C SER A 26 9.21 4.67 -4.78
N ASN A 27 8.86 3.63 -5.55
CA ASN A 27 7.51 3.49 -6.06
C ASN A 27 6.50 3.39 -4.92
N LEU A 28 6.84 2.61 -3.91
CA LEU A 28 5.95 2.42 -2.75
C LEU A 28 5.74 3.74 -2.02
N PHE A 29 6.83 4.35 -1.56
CA PHE A 29 6.76 5.61 -0.84
C PHE A 29 5.79 6.58 -1.52
N THR A 30 5.87 6.64 -2.86
CA THR A 30 5.00 7.51 -3.63
C THR A 30 3.54 7.16 -3.43
N HIS A 31 3.25 5.87 -3.34
CA HIS A 31 1.88 5.40 -3.14
C HIS A 31 1.44 5.63 -1.70
N GLN A 32 2.26 5.20 -0.75
CA GLN A 32 1.94 5.37 0.66
C GLN A 32 1.35 6.75 0.93
N LYS A 33 1.67 7.70 0.06
CA LYS A 33 1.17 9.07 0.20
C LYS A 33 -0.33 9.08 0.43
N ILE A 34 -1.06 8.35 -0.41
CA ILE A 34 -2.52 8.27 -0.30
C ILE A 34 -2.93 7.80 1.09
N HIS A 35 -1.99 7.21 1.82
CA HIS A 35 -2.26 6.71 3.16
C HIS A 35 -1.81 7.71 4.22
N THR A 36 -0.56 8.16 4.10
CA THR A 36 -0.01 9.12 5.04
C THR A 36 -0.35 10.55 4.63
N GLY A 37 -1.61 10.77 4.27
CA GLY A 37 -2.05 12.10 3.88
C GLY A 37 -3.22 12.60 4.69
N GLU A 38 -3.08 12.56 6.01
CA GLU A 38 -4.14 13.01 6.91
C GLU A 38 -3.75 14.31 7.61
N LYS A 39 -4.54 15.35 7.40
CA LYS A 39 -4.27 16.65 8.02
C LYS A 39 -4.25 16.54 9.54
N PRO A 40 -3.41 17.36 10.19
CA PRO A 40 -3.27 17.36 11.64
C PRO A 40 -4.51 17.94 12.33
N SER A 41 -5.10 18.96 11.72
CA SER A 41 -6.29 19.59 12.29
C SER A 41 -7.23 20.06 11.18
N GLY A 42 -8.53 20.00 11.46
CA GLY A 42 -9.52 20.42 10.47
C GLY A 42 -10.83 19.68 10.61
N PRO A 43 -11.67 20.12 11.56
CA PRO A 43 -12.97 19.51 11.82
C PRO A 43 -13.96 19.76 10.69
N SER A 44 -13.93 18.89 9.67
CA SER A 44 -14.82 19.02 8.54
C SER A 44 -14.91 17.70 7.76
N SER A 45 -16.11 17.38 7.30
CA SER A 45 -16.33 16.15 6.54
C SER A 45 -17.11 16.43 5.26
N GLY A 46 -16.76 15.72 4.19
CA GLY A 46 -17.43 15.90 2.93
C GLY A 46 -18.42 14.79 2.62
ZN ZN B . -1.46 1.46 0.14
N GLY A 1 -7.94 -28.86 0.42
CA GLY A 1 -6.81 -27.98 0.69
C GLY A 1 -7.12 -26.95 1.76
N SER A 2 -6.62 -27.20 2.97
CA SER A 2 -6.86 -26.28 4.09
C SER A 2 -6.05 -25.00 3.92
N SER A 3 -4.73 -25.14 3.91
CA SER A 3 -3.84 -24.00 3.76
C SER A 3 -3.00 -24.12 2.48
N GLY A 4 -2.38 -23.01 2.09
CA GLY A 4 -1.55 -23.02 0.89
C GLY A 4 -0.35 -22.10 1.01
N SER A 5 0.63 -22.51 1.80
CA SER A 5 1.84 -21.72 2.01
C SER A 5 2.92 -22.12 1.01
N SER A 6 2.51 -22.31 -0.25
CA SER A 6 3.45 -22.69 -1.30
C SER A 6 3.79 -21.50 -2.18
N GLY A 7 4.01 -20.35 -1.54
CA GLY A 7 4.35 -19.15 -2.28
C GLY A 7 3.38 -18.01 -2.01
N THR A 8 3.78 -17.08 -1.15
CA THR A 8 2.94 -15.94 -0.81
C THR A 8 3.71 -14.63 -0.96
N GLY A 9 3.54 -13.99 -2.11
CA GLY A 9 4.22 -12.73 -2.37
C GLY A 9 4.78 -12.64 -3.77
N GLU A 10 4.68 -11.46 -4.37
CA GLU A 10 5.18 -11.25 -5.73
C GLU A 10 6.33 -10.24 -5.73
N LYS A 11 6.19 -9.21 -4.91
CA LYS A 11 7.22 -8.18 -4.82
C LYS A 11 7.87 -8.18 -3.44
N PRO A 12 9.13 -7.70 -3.37
CA PRO A 12 9.89 -7.64 -2.13
C PRO A 12 9.34 -6.59 -1.16
N TYR A 13 8.69 -5.57 -1.71
CA TYR A 13 8.12 -4.50 -0.90
C TYR A 13 6.59 -4.61 -0.86
N ARG A 14 6.02 -4.31 0.30
CA ARG A 14 4.57 -4.38 0.47
C ARG A 14 4.09 -3.24 1.36
N CYS A 15 2.92 -2.69 1.03
CA CYS A 15 2.33 -1.59 1.79
C CYS A 15 1.73 -2.10 3.09
N ALA A 16 2.27 -1.63 4.21
CA ALA A 16 1.79 -2.03 5.52
C ALA A 16 0.59 -1.19 5.95
N GLU A 17 -0.19 -0.74 4.97
CA GLU A 17 -1.36 0.08 5.24
C GLU A 17 -2.60 -0.49 4.55
N CYS A 18 -2.43 -0.90 3.30
CA CYS A 18 -3.54 -1.46 2.53
C CYS A 18 -3.23 -2.89 2.11
N GLY A 19 -2.05 -3.10 1.54
CA GLY A 19 -1.65 -4.43 1.11
C GLY A 19 -1.36 -4.48 -0.38
N LYS A 20 -0.39 -3.68 -0.82
CA LYS A 20 -0.02 -3.64 -2.23
C LYS A 20 1.40 -4.16 -2.43
N ALA A 21 1.78 -4.38 -3.69
CA ALA A 21 3.11 -4.87 -4.01
C ALA A 21 3.92 -3.82 -4.77
N PHE A 22 5.20 -3.71 -4.46
CA PHE A 22 6.08 -2.75 -5.13
C PHE A 22 7.45 -3.35 -5.38
N THR A 23 7.97 -3.14 -6.59
CA THR A 23 9.28 -3.67 -6.96
C THR A 23 10.39 -2.89 -6.27
N ASP A 24 10.15 -1.61 -6.00
CA ASP A 24 11.13 -0.77 -5.32
C ASP A 24 10.46 0.11 -4.27
N ARG A 25 11.27 0.61 -3.34
CA ARG A 25 10.75 1.48 -2.28
C ARG A 25 10.16 2.75 -2.86
N SER A 26 10.97 3.52 -3.57
CA SER A 26 10.53 4.77 -4.18
C SER A 26 9.07 4.66 -4.63
N ASN A 27 8.76 3.62 -5.39
CA ASN A 27 7.41 3.42 -5.89
C ASN A 27 6.42 3.25 -4.73
N LEU A 28 6.83 2.47 -3.72
CA LEU A 28 6.00 2.22 -2.55
C LEU A 28 5.73 3.52 -1.79
N PHE A 29 6.80 4.24 -1.49
CA PHE A 29 6.68 5.50 -0.75
C PHE A 29 5.73 6.45 -1.47
N THR A 30 5.84 6.51 -2.80
CA THR A 30 5.00 7.37 -3.60
C THR A 30 3.52 7.03 -3.41
N HIS A 31 3.23 5.75 -3.31
CA HIS A 31 1.85 5.29 -3.13
C HIS A 31 1.36 5.58 -1.72
N GLN A 32 2.11 5.12 -0.72
CA GLN A 32 1.75 5.33 0.67
C GLN A 32 1.13 6.70 0.87
N LYS A 33 1.55 7.66 0.05
CA LYS A 33 1.02 9.02 0.13
C LYS A 33 -0.50 9.02 0.21
N ILE A 34 -1.12 8.26 -0.69
CA ILE A 34 -2.58 8.17 -0.72
C ILE A 34 -3.15 8.01 0.68
N HIS A 35 -2.34 7.45 1.58
CA HIS A 35 -2.77 7.24 2.97
C HIS A 35 -2.61 8.52 3.78
N THR A 36 -1.54 9.27 3.52
CA THR A 36 -1.28 10.51 4.23
C THR A 36 -1.20 11.69 3.27
N GLY A 37 -2.05 11.67 2.25
CA GLY A 37 -2.06 12.75 1.28
C GLY A 37 -3.02 13.86 1.65
N GLU A 38 -3.06 14.22 2.93
CA GLU A 38 -3.94 15.27 3.41
C GLU A 38 -5.27 15.25 2.65
N LYS A 39 -5.81 14.05 2.44
CA LYS A 39 -7.08 13.90 1.73
C LYS A 39 -8.24 13.82 2.70
N PRO A 40 -9.38 14.41 2.31
CA PRO A 40 -10.59 14.42 3.13
C PRO A 40 -11.23 13.05 3.23
N SER A 41 -12.41 12.99 3.87
CA SER A 41 -13.12 11.73 4.03
C SER A 41 -14.45 11.76 3.28
N GLY A 42 -14.91 10.57 2.87
CA GLY A 42 -16.17 10.49 2.15
C GLY A 42 -16.98 9.27 2.55
N PRO A 43 -18.21 9.17 2.00
CA PRO A 43 -19.11 8.06 2.29
C PRO A 43 -18.62 6.74 1.69
N SER A 44 -17.77 6.04 2.43
CA SER A 44 -17.22 4.76 1.97
C SER A 44 -18.28 3.66 2.05
N SER A 45 -18.61 3.09 0.90
CA SER A 45 -19.61 2.02 0.84
C SER A 45 -19.71 1.45 -0.57
N GLY A 46 -19.93 0.14 -0.65
CA GLY A 46 -20.05 -0.50 -1.94
C GLY A 46 -19.68 -1.98 -1.88
ZN ZN B . -1.18 1.60 0.55
N GLY A 1 -8.13 -31.74 -3.39
CA GLY A 1 -8.72 -30.45 -3.66
C GLY A 1 -7.72 -29.46 -4.22
N SER A 2 -8.20 -28.28 -4.60
CA SER A 2 -7.34 -27.24 -5.17
C SER A 2 -7.92 -25.86 -4.89
N SER A 3 -7.15 -25.03 -4.18
CA SER A 3 -7.59 -23.68 -3.86
C SER A 3 -6.39 -22.76 -3.65
N GLY A 4 -6.35 -21.67 -4.40
CA GLY A 4 -5.25 -20.73 -4.29
C GLY A 4 -5.05 -19.93 -5.55
N SER A 5 -6.04 -19.12 -5.93
CA SER A 5 -5.96 -18.31 -7.13
C SER A 5 -5.29 -16.97 -6.84
N SER A 6 -5.70 -16.34 -5.75
CA SER A 6 -5.14 -15.05 -5.36
C SER A 6 -4.04 -15.23 -4.32
N GLY A 7 -2.83 -14.75 -4.66
CA GLY A 7 -1.72 -14.87 -3.74
C GLY A 7 -0.41 -15.17 -4.47
N THR A 8 -0.07 -14.31 -5.43
CA THR A 8 1.16 -14.49 -6.20
C THR A 8 1.85 -13.15 -6.44
N GLY A 9 3.18 -13.18 -6.50
CA GLY A 9 3.93 -11.96 -6.73
C GLY A 9 5.32 -12.02 -6.12
N GLU A 10 5.39 -12.14 -4.80
CA GLU A 10 6.66 -12.20 -4.10
C GLU A 10 7.44 -10.90 -4.28
N LYS A 11 6.77 -9.78 -4.07
CA LYS A 11 7.40 -8.47 -4.21
C LYS A 11 8.21 -8.12 -2.96
N PRO A 12 9.35 -7.44 -3.17
CA PRO A 12 10.24 -7.03 -2.07
C PRO A 12 9.63 -5.94 -1.21
N TYR A 13 8.74 -5.15 -1.80
CA TYR A 13 8.07 -4.07 -1.08
C TYR A 13 6.57 -4.29 -1.02
N ARG A 14 5.93 -3.72 0.00
CA ARG A 14 4.49 -3.85 0.17
C ARG A 14 3.94 -2.73 1.05
N CYS A 15 2.68 -2.39 0.83
CA CYS A 15 2.04 -1.33 1.61
C CYS A 15 1.51 -1.86 2.93
N ALA A 16 1.90 -1.21 4.02
CA ALA A 16 1.46 -1.61 5.36
C ALA A 16 0.16 -0.94 5.74
N GLU A 17 -0.67 -0.64 4.74
CA GLU A 17 -1.96 0.01 4.98
C GLU A 17 -3.08 -0.74 4.28
N CYS A 18 -2.90 -1.01 3.00
CA CYS A 18 -3.90 -1.72 2.21
C CYS A 18 -3.42 -3.13 1.86
N GLY A 19 -2.19 -3.23 1.39
CA GLY A 19 -1.64 -4.52 1.02
C GLY A 19 -1.28 -4.62 -0.45
N LYS A 20 -0.71 -3.54 -0.98
CA LYS A 20 -0.33 -3.50 -2.39
C LYS A 20 1.10 -4.01 -2.57
N ALA A 21 1.41 -4.46 -3.79
CA ALA A 21 2.75 -4.97 -4.09
C ALA A 21 3.49 -4.02 -5.02
N PHE A 22 4.76 -3.77 -4.71
CA PHE A 22 5.58 -2.88 -5.52
C PHE A 22 6.93 -3.53 -5.85
N THR A 23 7.58 -3.03 -6.90
CA THR A 23 8.87 -3.56 -7.32
C THR A 23 10.02 -2.79 -6.68
N ASP A 24 9.88 -1.47 -6.64
CA ASP A 24 10.92 -0.61 -6.05
C ASP A 24 10.37 0.12 -4.83
N ARG A 25 11.27 0.48 -3.92
CA ARG A 25 10.89 1.18 -2.70
C ARG A 25 10.29 2.55 -3.03
N SER A 26 11.04 3.33 -3.81
CA SER A 26 10.58 4.67 -4.19
C SER A 26 9.11 4.65 -4.61
N ASN A 27 8.75 3.67 -5.43
CA ASN A 27 7.37 3.54 -5.89
C ASN A 27 6.42 3.29 -4.72
N LEU A 28 6.84 2.43 -3.81
CA LEU A 28 6.03 2.10 -2.64
C LEU A 28 5.78 3.33 -1.78
N PHE A 29 6.87 4.00 -1.39
CA PHE A 29 6.78 5.19 -0.57
C PHE A 29 5.81 6.21 -1.18
N THR A 30 5.99 6.48 -2.47
CA THR A 30 5.12 7.43 -3.18
C THR A 30 3.66 7.05 -3.03
N HIS A 31 3.38 5.74 -3.02
CA HIS A 31 2.01 5.25 -2.90
C HIS A 31 1.47 5.53 -1.50
N GLN A 32 2.20 5.10 -0.48
CA GLN A 32 1.78 5.31 0.90
C GLN A 32 1.31 6.74 1.12
N LYS A 33 1.76 7.64 0.25
CA LYS A 33 1.38 9.04 0.35
C LYS A 33 -0.13 9.19 0.48
N ILE A 34 -0.87 8.42 -0.29
CA ILE A 34 -2.33 8.46 -0.25
C ILE A 34 -2.85 8.08 1.12
N HIS A 35 -2.05 7.33 1.88
CA HIS A 35 -2.44 6.90 3.22
C HIS A 35 -1.96 7.91 4.27
N THR A 36 -0.68 8.26 4.19
CA THR A 36 -0.10 9.21 5.14
C THR A 36 0.42 10.45 4.41
N GLY A 37 0.11 11.63 4.96
CA GLY A 37 0.54 12.87 4.36
C GLY A 37 -0.23 14.07 4.86
N GLU A 38 0.10 15.25 4.36
CA GLU A 38 -0.57 16.48 4.76
C GLU A 38 -1.46 17.02 3.65
N LYS A 39 -1.92 16.11 2.78
CA LYS A 39 -2.78 16.49 1.66
C LYS A 39 -3.81 15.40 1.38
N PRO A 40 -5.02 15.82 0.99
CA PRO A 40 -6.12 14.90 0.69
C PRO A 40 -5.87 14.11 -0.60
N SER A 41 -5.51 14.83 -1.66
CA SER A 41 -5.25 14.20 -2.95
C SER A 41 -6.17 13.01 -3.17
N GLY A 42 -7.45 13.18 -2.84
CA GLY A 42 -8.41 12.11 -3.00
C GLY A 42 -9.38 12.37 -4.14
N PRO A 43 -8.95 12.04 -5.37
CA PRO A 43 -9.76 12.23 -6.57
C PRO A 43 -10.96 11.29 -6.62
N SER A 44 -11.66 11.28 -7.75
CA SER A 44 -12.83 10.41 -7.93
C SER A 44 -12.40 8.96 -8.09
N SER A 45 -13.23 8.05 -7.59
CA SER A 45 -12.94 6.62 -7.68
C SER A 45 -12.27 6.29 -9.01
N GLY A 46 -11.36 5.32 -8.99
CA GLY A 46 -10.66 4.92 -10.19
C GLY A 46 -11.61 4.44 -11.28
ZN ZN B . -1.71 1.42 0.27
N GLY A 1 -11.35 -23.44 -11.44
CA GLY A 1 -11.60 -22.03 -11.69
C GLY A 1 -10.50 -21.15 -11.11
N SER A 2 -10.10 -20.15 -11.89
CA SER A 2 -9.05 -19.22 -11.46
C SER A 2 -9.30 -17.82 -12.01
N SER A 3 -9.19 -16.82 -11.13
CA SER A 3 -9.40 -15.44 -11.52
C SER A 3 -8.28 -14.54 -11.01
N GLY A 4 -7.43 -14.07 -11.92
CA GLY A 4 -6.33 -13.22 -11.54
C GLY A 4 -5.11 -13.43 -12.40
N SER A 5 -5.04 -12.71 -13.52
CA SER A 5 -3.92 -12.82 -14.44
C SER A 5 -2.75 -11.93 -14.00
N SER A 6 -3.07 -10.68 -13.69
CA SER A 6 -2.05 -9.73 -13.26
C SER A 6 -1.80 -9.85 -11.75
N GLY A 7 -0.60 -10.28 -11.39
CA GLY A 7 -0.26 -10.43 -9.99
C GLY A 7 0.41 -11.75 -9.69
N THR A 8 1.41 -12.10 -10.51
CA THR A 8 2.13 -13.36 -10.33
C THR A 8 3.59 -13.10 -9.96
N GLY A 9 3.81 -12.13 -9.08
CA GLY A 9 5.16 -11.81 -8.65
C GLY A 9 5.22 -11.37 -7.20
N GLU A 10 6.13 -11.98 -6.44
CA GLU A 10 6.28 -11.65 -5.03
C GLU A 10 7.24 -10.47 -4.85
N LYS A 11 6.68 -9.26 -4.82
CA LYS A 11 7.47 -8.05 -4.65
C LYS A 11 8.08 -7.99 -3.25
N PRO A 12 9.30 -7.45 -3.16
CA PRO A 12 10.01 -7.31 -1.88
C PRO A 12 9.37 -6.27 -0.98
N TYR A 13 8.70 -5.30 -1.57
CA TYR A 13 8.04 -4.24 -0.80
C TYR A 13 6.53 -4.48 -0.74
N ARG A 14 5.92 -4.01 0.35
CA ARG A 14 4.48 -4.17 0.54
C ARG A 14 3.92 -3.04 1.39
N CYS A 15 2.74 -2.54 1.01
CA CYS A 15 2.10 -1.46 1.74
C CYS A 15 1.44 -1.97 3.02
N ALA A 16 1.90 -1.47 4.15
CA ALA A 16 1.35 -1.87 5.44
C ALA A 16 0.06 -1.13 5.74
N GLU A 17 -0.51 -0.49 4.74
CA GLU A 17 -1.75 0.26 4.90
C GLU A 17 -2.92 -0.47 4.22
N CYS A 18 -2.71 -0.85 2.96
CA CYS A 18 -3.74 -1.54 2.20
C CYS A 18 -3.33 -2.98 1.92
N GLY A 19 -2.09 -3.17 1.50
CA GLY A 19 -1.59 -4.51 1.21
C GLY A 19 -1.19 -4.67 -0.24
N LYS A 20 -0.70 -3.60 -0.85
CA LYS A 20 -0.28 -3.63 -2.25
C LYS A 20 1.15 -4.15 -2.37
N ALA A 21 1.54 -4.49 -3.59
CA ALA A 21 2.88 -5.00 -3.85
C ALA A 21 3.67 -4.06 -4.75
N PHE A 22 4.91 -3.77 -4.36
CA PHE A 22 5.77 -2.87 -5.12
C PHE A 22 7.15 -3.48 -5.31
N THR A 23 7.61 -3.52 -6.56
CA THR A 23 8.90 -4.08 -6.89
C THR A 23 10.03 -3.23 -6.31
N ASP A 24 9.86 -1.91 -6.36
CA ASP A 24 10.85 -0.98 -5.84
C ASP A 24 10.32 -0.23 -4.63
N ARG A 25 11.22 0.42 -3.90
CA ARG A 25 10.83 1.17 -2.71
C ARG A 25 10.27 2.54 -3.09
N SER A 26 11.03 3.29 -3.87
CA SER A 26 10.61 4.62 -4.30
C SER A 26 9.15 4.62 -4.70
N ASN A 27 8.75 3.61 -5.48
CA ASN A 27 7.37 3.50 -5.94
C ASN A 27 6.41 3.39 -4.75
N LEU A 28 6.79 2.60 -3.76
CA LEU A 28 5.97 2.41 -2.57
C LEU A 28 5.75 3.73 -1.84
N PHE A 29 6.85 4.36 -1.42
CA PHE A 29 6.77 5.63 -0.71
C PHE A 29 5.77 6.57 -1.38
N THR A 30 5.89 6.72 -2.70
CA THR A 30 5.00 7.58 -3.45
C THR A 30 3.54 7.16 -3.27
N HIS A 31 3.30 5.85 -3.24
CA HIS A 31 1.96 5.32 -3.06
C HIS A 31 1.45 5.57 -1.65
N GLN A 32 2.30 5.30 -0.66
CA GLN A 32 1.94 5.49 0.74
C GLN A 32 1.34 6.88 0.95
N LYS A 33 1.59 7.79 0.01
CA LYS A 33 1.07 9.14 0.10
C LYS A 33 -0.44 9.14 0.36
N ILE A 34 -1.16 8.31 -0.39
CA ILE A 34 -2.61 8.22 -0.23
C ILE A 34 -2.98 7.77 1.17
N HIS A 35 -1.97 7.36 1.94
CA HIS A 35 -2.20 6.92 3.32
C HIS A 35 -1.70 7.96 4.31
N THR A 36 -0.43 8.34 4.18
CA THR A 36 0.18 9.32 5.06
C THR A 36 -0.68 10.56 5.17
N GLY A 37 -1.15 10.87 6.38
CA GLY A 37 -1.98 12.04 6.58
C GLY A 37 -2.93 11.88 7.76
N GLU A 38 -3.51 12.99 8.21
CA GLU A 38 -4.43 12.96 9.34
C GLU A 38 -5.82 12.50 8.89
N LYS A 39 -6.47 11.72 9.74
CA LYS A 39 -7.81 11.21 9.42
C LYS A 39 -8.54 10.81 10.70
N PRO A 40 -9.87 10.97 10.70
CA PRO A 40 -10.72 10.63 11.84
C PRO A 40 -10.80 9.12 12.07
N SER A 41 -9.88 8.60 12.87
CA SER A 41 -9.85 7.17 13.17
C SER A 41 -11.16 6.72 13.80
N GLY A 42 -11.35 5.41 13.87
CA GLY A 42 -12.57 4.86 14.45
C GLY A 42 -13.06 3.63 13.71
N PRO A 43 -13.89 2.82 14.39
CA PRO A 43 -14.44 1.60 13.81
C PRO A 43 -15.46 1.88 12.72
N SER A 44 -14.98 2.07 11.50
CA SER A 44 -15.85 2.35 10.36
C SER A 44 -15.39 1.59 9.11
N SER A 45 -16.26 1.53 8.11
CA SER A 45 -15.95 0.84 6.87
C SER A 45 -16.57 1.55 5.68
N GLY A 46 -16.10 1.19 4.48
CA GLY A 46 -16.64 1.81 3.27
C GLY A 46 -15.73 1.58 2.08
ZN ZN B . -1.40 1.40 0.14
N GLY A 1 -18.31 -18.32 -10.20
CA GLY A 1 -17.03 -17.97 -9.62
C GLY A 1 -15.86 -18.47 -10.44
N SER A 2 -14.94 -19.18 -9.80
CA SER A 2 -13.77 -19.71 -10.48
C SER A 2 -12.89 -18.57 -11.01
N SER A 3 -12.73 -17.53 -10.20
CA SER A 3 -11.92 -16.38 -10.59
C SER A 3 -10.53 -16.47 -9.99
N GLY A 4 -9.51 -16.54 -10.87
CA GLY A 4 -8.15 -16.63 -10.39
C GLY A 4 -7.25 -15.59 -11.04
N SER A 5 -6.85 -15.84 -12.28
CA SER A 5 -5.98 -14.92 -13.01
C SER A 5 -4.91 -14.34 -12.08
N SER A 6 -4.33 -15.20 -11.26
CA SER A 6 -3.29 -14.77 -10.33
C SER A 6 -2.20 -15.84 -10.19
N GLY A 7 -0.96 -15.40 -10.05
CA GLY A 7 0.14 -16.33 -9.92
C GLY A 7 1.39 -15.67 -9.35
N THR A 8 2.55 -16.24 -9.67
CA THR A 8 3.82 -15.70 -9.18
C THR A 8 3.84 -14.18 -9.28
N GLY A 9 3.83 -13.52 -8.11
CA GLY A 9 3.85 -12.07 -8.09
C GLY A 9 4.11 -11.53 -6.70
N GLU A 10 5.19 -12.00 -6.07
CA GLU A 10 5.55 -11.55 -4.72
C GLU A 10 6.66 -10.50 -4.78
N LYS A 11 6.29 -9.25 -4.51
CA LYS A 11 7.24 -8.15 -4.53
C LYS A 11 7.95 -8.02 -3.18
N PRO A 12 9.18 -7.50 -3.20
CA PRO A 12 9.98 -7.31 -1.99
C PRO A 12 9.42 -6.21 -1.09
N TYR A 13 8.73 -5.25 -1.70
CA TYR A 13 8.15 -4.14 -0.96
C TYR A 13 6.63 -4.23 -0.94
N ARG A 14 6.05 -4.03 0.24
CA ARG A 14 4.59 -4.09 0.40
C ARG A 14 4.08 -2.92 1.22
N CYS A 15 2.81 -2.57 1.03
CA CYS A 15 2.21 -1.46 1.74
C CYS A 15 1.61 -1.94 3.07
N ALA A 16 2.00 -1.29 4.15
CA ALA A 16 1.51 -1.64 5.49
C ALA A 16 0.23 -0.89 5.80
N GLU A 17 -0.50 -0.50 4.77
CA GLU A 17 -1.75 0.23 4.95
C GLU A 17 -2.91 -0.51 4.30
N CYS A 18 -2.71 -0.95 3.05
CA CYS A 18 -3.74 -1.68 2.32
C CYS A 18 -3.28 -3.09 1.99
N GLY A 19 -2.07 -3.20 1.44
CA GLY A 19 -1.53 -4.50 1.08
C GLY A 19 -1.16 -4.59 -0.39
N LYS A 20 -0.55 -3.53 -0.91
CA LYS A 20 -0.14 -3.50 -2.31
C LYS A 20 1.29 -4.00 -2.48
N ALA A 21 1.62 -4.44 -3.69
CA ALA A 21 2.96 -4.94 -3.98
C ALA A 21 3.77 -3.92 -4.76
N PHE A 22 5.05 -3.79 -4.41
CA PHE A 22 5.93 -2.84 -5.08
C PHE A 22 7.33 -3.44 -5.28
N THR A 23 7.82 -3.37 -6.51
CA THR A 23 9.14 -3.90 -6.84
C THR A 23 10.24 -2.93 -6.45
N ASP A 24 9.89 -1.65 -6.33
CA ASP A 24 10.85 -0.61 -5.96
C ASP A 24 10.36 0.17 -4.75
N ARG A 25 11.29 0.55 -3.88
CA ARG A 25 10.96 1.30 -2.69
C ARG A 25 10.33 2.65 -3.05
N SER A 26 11.05 3.44 -3.84
CA SER A 26 10.57 4.75 -4.26
C SER A 26 9.11 4.68 -4.69
N ASN A 27 8.76 3.61 -5.39
CA ASN A 27 7.39 3.42 -5.87
C ASN A 27 6.42 3.28 -4.69
N LEU A 28 6.78 2.44 -3.73
CA LEU A 28 5.95 2.21 -2.55
C LEU A 28 5.76 3.51 -1.77
N PHE A 29 6.87 4.10 -1.34
CA PHE A 29 6.82 5.35 -0.58
C PHE A 29 5.93 6.37 -1.28
N THR A 30 5.99 6.41 -2.60
CA THR A 30 5.19 7.34 -3.39
C THR A 30 3.70 7.03 -3.26
N HIS A 31 3.38 5.74 -3.17
CA HIS A 31 2.00 5.30 -3.05
C HIS A 31 1.47 5.55 -1.64
N GLN A 32 2.25 5.15 -0.64
CA GLN A 32 1.86 5.32 0.75
C GLN A 32 1.24 6.70 0.97
N LYS A 33 1.57 7.65 0.09
CA LYS A 33 1.04 9.00 0.19
C LYS A 33 -0.48 8.99 0.31
N ILE A 34 -1.12 8.12 -0.46
CA ILE A 34 -2.58 8.00 -0.44
C ILE A 34 -3.08 7.70 0.96
N HIS A 35 -2.19 7.22 1.82
CA HIS A 35 -2.55 6.90 3.20
C HIS A 35 -2.18 8.05 4.14
N THR A 36 -0.89 8.30 4.27
CA THR A 36 -0.40 9.37 5.13
C THR A 36 -1.29 9.52 6.36
N GLY A 37 -1.69 8.39 6.95
CA GLY A 37 -2.53 8.42 8.13
C GLY A 37 -3.92 8.97 7.84
N GLU A 38 -4.89 8.07 7.71
CA GLU A 38 -6.26 8.48 7.42
C GLU A 38 -6.80 9.40 8.51
N LYS A 39 -7.50 10.45 8.10
CA LYS A 39 -8.06 11.41 9.04
C LYS A 39 -9.19 12.21 8.38
N PRO A 40 -10.18 12.60 9.20
CA PRO A 40 -11.33 13.38 8.72
C PRO A 40 -10.96 14.80 8.34
N SER A 41 -11.72 15.39 7.42
CA SER A 41 -11.46 16.75 6.97
C SER A 41 -10.98 17.63 8.12
N GLY A 42 -9.73 18.07 8.03
CA GLY A 42 -9.16 18.92 9.06
C GLY A 42 -7.84 19.54 8.65
N PRO A 43 -7.91 20.50 7.71
CA PRO A 43 -6.72 21.19 7.21
C PRO A 43 -6.11 22.12 8.25
N SER A 44 -4.80 22.35 8.14
CA SER A 44 -4.10 23.21 9.08
C SER A 44 -3.33 24.30 8.33
N SER A 45 -3.97 25.46 8.18
CA SER A 45 -3.35 26.58 7.48
C SER A 45 -2.94 27.67 8.47
N GLY A 46 -2.20 28.67 7.97
CA GLY A 46 -1.76 29.76 8.82
C GLY A 46 -2.77 30.88 8.90
ZN ZN B . -1.46 1.30 0.37
N GLY A 1 -12.11 -26.59 0.24
CA GLY A 1 -10.81 -27.19 0.47
C GLY A 1 -9.69 -26.17 0.36
N SER A 2 -8.76 -26.42 -0.55
CA SER A 2 -7.62 -25.53 -0.76
C SER A 2 -7.66 -24.90 -2.14
N SER A 3 -7.28 -23.63 -2.22
CA SER A 3 -7.27 -22.92 -3.49
C SER A 3 -5.95 -23.11 -4.21
N GLY A 4 -4.86 -22.77 -3.53
CA GLY A 4 -3.54 -22.90 -4.13
C GLY A 4 -2.84 -21.57 -4.31
N SER A 5 -1.60 -21.61 -4.80
CA SER A 5 -0.82 -20.39 -5.02
C SER A 5 -1.68 -19.31 -5.68
N SER A 6 -1.93 -18.24 -4.93
CA SER A 6 -2.74 -17.14 -5.45
C SER A 6 -1.86 -16.11 -6.15
N GLY A 7 -2.02 -16.00 -7.47
CA GLY A 7 -1.24 -15.05 -8.23
C GLY A 7 0.24 -15.40 -8.25
N THR A 8 0.91 -15.05 -9.34
CA THR A 8 2.33 -15.34 -9.49
C THR A 8 3.13 -14.05 -9.66
N GLY A 9 3.60 -13.49 -8.54
CA GLY A 9 4.36 -12.25 -8.61
C GLY A 9 4.38 -11.53 -7.28
N GLU A 10 5.15 -12.05 -6.33
CA GLU A 10 5.26 -11.45 -5.00
C GLU A 10 6.45 -10.50 -4.94
N LYS A 11 6.18 -9.23 -4.68
CA LYS A 11 7.23 -8.22 -4.58
C LYS A 11 7.79 -8.16 -3.17
N PRO A 12 9.02 -7.63 -3.05
CA PRO A 12 9.70 -7.49 -1.75
C PRO A 12 9.05 -6.43 -0.86
N TYR A 13 8.60 -5.35 -1.49
CA TYR A 13 7.96 -4.26 -0.75
C TYR A 13 6.44 -4.43 -0.74
N ARG A 14 5.83 -4.11 0.39
CA ARG A 14 4.38 -4.21 0.54
C ARG A 14 3.84 -3.11 1.43
N CYS A 15 2.74 -2.50 1.01
CA CYS A 15 2.12 -1.43 1.78
C CYS A 15 1.41 -1.98 3.01
N ALA A 16 1.97 -1.72 4.19
CA ALA A 16 1.38 -2.18 5.43
C ALA A 16 0.01 -1.57 5.66
N GLU A 17 -0.30 -0.52 4.91
CA GLU A 17 -1.59 0.15 5.03
C GLU A 17 -2.70 -0.67 4.38
N CYS A 18 -2.63 -0.81 3.06
CA CYS A 18 -3.62 -1.56 2.31
C CYS A 18 -3.12 -2.98 2.02
N GLY A 19 -1.91 -3.08 1.51
CA GLY A 19 -1.34 -4.38 1.20
C GLY A 19 -0.94 -4.51 -0.26
N LYS A 20 -0.54 -3.39 -0.86
CA LYS A 20 -0.13 -3.38 -2.25
C LYS A 20 1.23 -4.04 -2.44
N ALA A 21 1.73 -4.05 -3.67
CA ALA A 21 3.03 -4.65 -3.97
C ALA A 21 3.88 -3.71 -4.81
N PHE A 22 5.15 -3.59 -4.44
CA PHE A 22 6.07 -2.71 -5.16
C PHE A 22 7.45 -3.36 -5.28
N THR A 23 8.05 -3.23 -6.46
CA THR A 23 9.37 -3.80 -6.71
C THR A 23 10.47 -2.91 -6.16
N ASP A 24 10.19 -1.62 -6.05
CA ASP A 24 11.16 -0.66 -5.52
C ASP A 24 10.52 0.23 -4.46
N ARG A 25 11.34 0.66 -3.50
CA ARG A 25 10.86 1.53 -2.43
C ARG A 25 10.24 2.81 -2.99
N SER A 26 11.02 3.54 -3.78
CA SER A 26 10.56 4.79 -4.38
C SER A 26 9.10 4.68 -4.80
N ASN A 27 8.80 3.65 -5.60
CA ASN A 27 7.45 3.44 -6.08
C ASN A 27 6.47 3.27 -4.91
N LEU A 28 6.91 2.56 -3.88
CA LEU A 28 6.08 2.33 -2.70
C LEU A 28 5.81 3.64 -1.96
N PHE A 29 6.86 4.41 -1.74
CA PHE A 29 6.73 5.69 -1.04
C PHE A 29 5.71 6.58 -1.73
N THR A 30 5.76 6.62 -3.06
CA THR A 30 4.83 7.43 -3.84
C THR A 30 3.39 7.01 -3.60
N HIS A 31 3.19 5.72 -3.38
CA HIS A 31 1.86 5.18 -3.13
C HIS A 31 1.42 5.43 -1.70
N GLN A 32 2.29 5.10 -0.75
CA GLN A 32 2.00 5.30 0.67
C GLN A 32 1.35 6.65 0.91
N LYS A 33 1.57 7.58 -0.01
CA LYS A 33 1.01 8.92 0.10
C LYS A 33 -0.50 8.86 0.32
N ILE A 34 -1.16 7.94 -0.38
CA ILE A 34 -2.61 7.78 -0.26
C ILE A 34 -3.00 7.50 1.19
N HIS A 35 -2.01 7.20 2.02
CA HIS A 35 -2.25 6.90 3.43
C HIS A 35 -1.65 7.99 4.32
N THR A 36 -0.36 8.25 4.14
CA THR A 36 0.34 9.26 4.93
C THR A 36 -0.32 10.63 4.76
N GLY A 37 -1.26 10.94 5.64
CA GLY A 37 -1.94 12.22 5.58
C GLY A 37 -3.44 12.07 5.41
N GLU A 38 -4.11 11.63 6.46
CA GLU A 38 -5.56 11.43 6.42
C GLU A 38 -6.22 12.03 7.66
N LYS A 39 -6.53 13.33 7.59
CA LYS A 39 -7.17 14.01 8.71
C LYS A 39 -6.50 13.65 10.03
N PRO A 40 -5.18 13.83 10.10
CA PRO A 40 -4.39 13.53 11.29
C PRO A 40 -4.67 14.51 12.43
N SER A 41 -5.56 15.46 12.17
CA SER A 41 -5.91 16.46 13.17
C SER A 41 -5.95 15.84 14.58
N GLY A 42 -6.78 14.81 14.73
CA GLY A 42 -6.90 14.14 16.02
C GLY A 42 -5.60 13.48 16.45
N PRO A 43 -5.56 13.02 17.71
CA PRO A 43 -4.37 12.36 18.26
C PRO A 43 -4.13 10.99 17.65
N SER A 44 -2.94 10.80 17.11
CA SER A 44 -2.58 9.53 16.48
C SER A 44 -1.55 8.77 17.33
N SER A 45 -1.79 8.74 18.64
CA SER A 45 -0.88 8.06 19.56
C SER A 45 -1.62 7.65 20.83
N GLY A 46 -0.91 6.93 21.70
CA GLY A 46 -1.51 6.49 22.95
C GLY A 46 -1.62 4.99 23.03
ZN ZN B . -1.41 1.41 0.53
N GLY A 1 -5.38 -23.15 -4.02
CA GLY A 1 -6.71 -23.40 -4.53
C GLY A 1 -7.22 -22.27 -5.40
N SER A 2 -7.31 -22.51 -6.70
CA SER A 2 -7.78 -21.51 -7.65
C SER A 2 -9.30 -21.41 -7.63
N SER A 3 -9.82 -20.57 -6.76
CA SER A 3 -11.27 -20.38 -6.65
C SER A 3 -11.77 -19.40 -7.70
N GLY A 4 -11.09 -18.27 -7.83
CA GLY A 4 -11.48 -17.27 -8.81
C GLY A 4 -11.18 -15.86 -8.34
N SER A 5 -9.99 -15.66 -7.79
CA SER A 5 -9.57 -14.35 -7.30
C SER A 5 -8.39 -13.83 -8.10
N SER A 6 -8.01 -12.58 -7.84
CA SER A 6 -6.90 -11.96 -8.54
C SER A 6 -6.10 -11.06 -7.60
N GLY A 7 -4.86 -11.45 -7.34
CA GLY A 7 -4.00 -10.68 -6.46
C GLY A 7 -2.56 -11.14 -6.48
N THR A 8 -2.07 -11.48 -7.67
CA THR A 8 -0.70 -11.95 -7.82
C THR A 8 0.30 -10.82 -7.59
N GLY A 9 1.16 -10.99 -6.60
CA GLY A 9 2.16 -9.97 -6.30
C GLY A 9 3.34 -10.54 -5.54
N GLU A 10 4.42 -10.80 -6.27
CA GLU A 10 5.64 -11.35 -5.67
C GLU A 10 6.73 -10.28 -5.58
N LYS A 11 6.51 -9.28 -4.74
CA LYS A 11 7.47 -8.20 -4.57
C LYS A 11 7.95 -8.13 -3.13
N PRO A 12 9.17 -7.60 -2.94
CA PRO A 12 9.78 -7.47 -1.61
C PRO A 12 9.08 -6.41 -0.76
N TYR A 13 8.72 -5.30 -1.39
CA TYR A 13 8.04 -4.21 -0.69
C TYR A 13 6.53 -4.41 -0.69
N ARG A 14 5.87 -3.94 0.35
CA ARG A 14 4.42 -4.07 0.47
C ARG A 14 3.85 -2.96 1.35
N CYS A 15 2.70 -2.43 0.94
CA CYS A 15 2.04 -1.36 1.69
C CYS A 15 1.21 -1.94 2.84
N ALA A 16 1.88 -2.29 3.93
CA ALA A 16 1.21 -2.85 5.10
C ALA A 16 -0.08 -2.09 5.39
N GLU A 17 -0.15 -0.84 4.94
CA GLU A 17 -1.33 -0.02 5.16
C GLU A 17 -2.56 -0.65 4.52
N CYS A 18 -2.46 -0.93 3.23
CA CYS A 18 -3.57 -1.53 2.48
C CYS A 18 -3.26 -2.99 2.13
N GLY A 19 -2.03 -3.24 1.72
CA GLY A 19 -1.64 -4.60 1.36
C GLY A 19 -1.23 -4.71 -0.10
N LYS A 20 -0.58 -3.68 -0.63
CA LYS A 20 -0.13 -3.67 -2.01
C LYS A 20 1.26 -4.28 -2.14
N ALA A 21 1.77 -4.32 -3.36
CA ALA A 21 3.09 -4.87 -3.62
C ALA A 21 3.89 -3.96 -4.57
N PHE A 22 5.14 -3.71 -4.21
CA PHE A 22 6.00 -2.86 -5.03
C PHE A 22 7.39 -3.47 -5.18
N THR A 23 7.92 -3.42 -6.40
CA THR A 23 9.24 -3.99 -6.67
C THR A 23 10.34 -3.07 -6.14
N ASP A 24 10.06 -1.78 -6.08
CA ASP A 24 11.03 -0.81 -5.59
C ASP A 24 10.46 -0.03 -4.40
N ARG A 25 11.35 0.55 -3.60
CA ARG A 25 10.94 1.32 -2.44
C ARG A 25 10.40 2.68 -2.86
N SER A 26 11.10 3.34 -3.78
CA SER A 26 10.70 4.65 -4.26
C SER A 26 9.23 4.65 -4.68
N ASN A 27 8.88 3.74 -5.58
CA ASN A 27 7.52 3.62 -6.07
C ASN A 27 6.54 3.44 -4.91
N LEU A 28 6.93 2.61 -3.94
CA LEU A 28 6.09 2.34 -2.78
C LEU A 28 5.78 3.63 -2.02
N PHE A 29 6.83 4.41 -1.74
CA PHE A 29 6.67 5.67 -1.01
C PHE A 29 5.65 6.57 -1.71
N THR A 30 5.79 6.72 -3.02
CA THR A 30 4.88 7.55 -3.79
C THR A 30 3.43 7.11 -3.59
N HIS A 31 3.23 5.82 -3.41
CA HIS A 31 1.89 5.26 -3.21
C HIS A 31 1.39 5.58 -1.79
N GLN A 32 2.28 5.44 -0.82
CA GLN A 32 1.93 5.70 0.57
C GLN A 32 1.30 7.07 0.73
N LYS A 33 1.46 7.92 -0.29
CA LYS A 33 0.90 9.26 -0.27
C LYS A 33 -0.61 9.22 -0.09
N ILE A 34 -1.21 8.08 -0.40
CA ILE A 34 -2.65 7.90 -0.26
C ILE A 34 -3.04 7.64 1.19
N HIS A 35 -2.04 7.38 2.03
CA HIS A 35 -2.29 7.13 3.44
C HIS A 35 -1.63 8.19 4.31
N THR A 36 -0.31 8.32 4.18
CA THR A 36 0.44 9.31 4.95
C THR A 36 -0.16 9.49 6.34
N GLY A 37 -0.60 8.38 6.94
CA GLY A 37 -1.18 8.43 8.26
C GLY A 37 -2.57 7.81 8.31
N GLU A 38 -2.61 6.50 8.51
CA GLU A 38 -3.89 5.78 8.58
C GLU A 38 -4.80 6.39 9.64
N LYS A 39 -5.95 6.89 9.20
CA LYS A 39 -6.92 7.51 10.10
C LYS A 39 -8.32 6.94 9.87
N PRO A 40 -9.07 6.76 10.96
CA PRO A 40 -10.43 6.23 10.90
C PRO A 40 -11.41 7.21 10.26
N SER A 41 -11.48 7.18 8.93
CA SER A 41 -12.37 8.06 8.18
C SER A 41 -13.55 7.29 7.60
N GLY A 42 -14.12 6.39 8.41
CA GLY A 42 -15.25 5.59 7.95
C GLY A 42 -15.03 5.04 6.56
N PRO A 43 -16.14 4.69 5.88
CA PRO A 43 -16.10 4.15 4.52
C PRO A 43 -15.67 5.18 3.48
N SER A 44 -14.88 4.74 2.51
CA SER A 44 -14.41 5.63 1.46
C SER A 44 -15.35 5.60 0.25
N SER A 45 -15.83 6.77 -0.15
CA SER A 45 -16.74 6.88 -1.28
C SER A 45 -16.76 8.31 -1.83
N GLY A 46 -17.41 8.49 -2.98
CA GLY A 46 -17.48 9.79 -3.59
C GLY A 46 -18.81 10.03 -4.29
ZN ZN B . -1.31 1.57 0.47
N GLY A 1 -18.13 -1.43 0.70
CA GLY A 1 -17.73 -2.01 -0.59
C GLY A 1 -16.28 -2.45 -0.59
N SER A 2 -15.99 -3.50 -1.36
CA SER A 2 -14.64 -4.02 -1.46
C SER A 2 -14.17 -4.08 -2.90
N SER A 3 -12.87 -3.88 -3.12
CA SER A 3 -12.31 -3.90 -4.45
C SER A 3 -11.42 -5.12 -4.65
N GLY A 4 -11.52 -5.75 -5.83
CA GLY A 4 -10.73 -6.92 -6.11
C GLY A 4 -9.28 -6.76 -5.70
N SER A 5 -8.65 -7.87 -5.31
CA SER A 5 -7.26 -7.84 -4.89
C SER A 5 -6.45 -8.95 -5.57
N SER A 6 -5.80 -8.59 -6.68
CA SER A 6 -5.01 -9.55 -7.44
C SER A 6 -3.52 -9.20 -7.35
N GLY A 7 -2.69 -10.24 -7.25
CA GLY A 7 -1.26 -10.02 -7.16
C GLY A 7 -0.46 -11.21 -7.67
N THR A 8 0.07 -11.09 -8.87
CA THR A 8 0.85 -12.16 -9.48
C THR A 8 2.35 -11.92 -9.30
N GLY A 9 2.86 -12.22 -8.11
CA GLY A 9 4.27 -12.03 -7.83
C GLY A 9 4.52 -11.50 -6.44
N GLU A 10 5.47 -12.10 -5.72
CA GLU A 10 5.79 -11.68 -4.37
C GLU A 10 6.93 -10.65 -4.38
N LYS A 11 6.55 -9.37 -4.44
CA LYS A 11 7.53 -8.29 -4.45
C LYS A 11 8.20 -8.14 -3.09
N PRO A 12 9.38 -7.52 -3.07
CA PRO A 12 10.14 -7.29 -1.85
C PRO A 12 9.48 -6.27 -0.92
N TYR A 13 8.71 -5.36 -1.52
CA TYR A 13 8.03 -4.33 -0.74
C TYR A 13 6.55 -4.66 -0.61
N ARG A 14 5.89 -4.01 0.35
CA ARG A 14 4.47 -4.23 0.59
C ARG A 14 3.87 -3.09 1.42
N CYS A 15 2.72 -2.59 0.97
CA CYS A 15 2.05 -1.51 1.67
C CYS A 15 1.18 -2.03 2.80
N ALA A 16 1.79 -2.31 3.94
CA ALA A 16 1.08 -2.82 5.11
C ALA A 16 -0.24 -2.09 5.30
N GLU A 17 -0.30 -0.85 4.83
CA GLU A 17 -1.50 -0.04 4.96
C GLU A 17 -2.70 -0.73 4.31
N CYS A 18 -2.60 -0.96 3.00
CA CYS A 18 -3.67 -1.62 2.26
C CYS A 18 -3.29 -3.05 1.91
N GLY A 19 -2.02 -3.25 1.55
CA GLY A 19 -1.56 -4.58 1.19
C GLY A 19 -1.15 -4.68 -0.26
N LYS A 20 -0.63 -3.59 -0.81
CA LYS A 20 -0.20 -3.56 -2.20
C LYS A 20 1.24 -4.04 -2.35
N ALA A 21 1.59 -4.51 -3.55
CA ALA A 21 2.93 -5.00 -3.81
C ALA A 21 3.69 -4.04 -4.71
N PHE A 22 4.90 -3.68 -4.31
CA PHE A 22 5.73 -2.77 -5.08
C PHE A 22 7.11 -3.38 -5.36
N THR A 23 7.56 -3.24 -6.60
CA THR A 23 8.85 -3.79 -7.01
C THR A 23 10.00 -2.92 -6.50
N ASP A 24 9.79 -1.60 -6.53
CA ASP A 24 10.80 -0.66 -6.07
C ASP A 24 10.30 0.15 -4.88
N ARG A 25 11.21 0.50 -3.98
CA ARG A 25 10.85 1.27 -2.79
C ARG A 25 10.34 2.64 -3.17
N SER A 26 11.14 3.39 -3.92
CA SER A 26 10.75 4.73 -4.36
C SER A 26 9.28 4.77 -4.78
N ASN A 27 8.87 3.76 -5.53
CA ASN A 27 7.49 3.67 -6.00
C ASN A 27 6.53 3.53 -4.83
N LEU A 28 6.88 2.66 -3.88
CA LEU A 28 6.05 2.42 -2.71
C LEU A 28 5.81 3.71 -1.93
N PHE A 29 6.91 4.34 -1.50
CA PHE A 29 6.83 5.58 -0.75
C PHE A 29 5.84 6.55 -1.40
N THR A 30 5.94 6.68 -2.72
CA THR A 30 5.06 7.58 -3.46
C THR A 30 3.60 7.22 -3.23
N HIS A 31 3.29 5.93 -3.24
CA HIS A 31 1.92 5.46 -3.03
C HIS A 31 1.46 5.77 -1.61
N GLN A 32 2.23 5.33 -0.63
CA GLN A 32 1.90 5.57 0.77
C GLN A 32 1.30 6.95 0.96
N LYS A 33 1.66 7.87 0.08
CA LYS A 33 1.16 9.24 0.15
C LYS A 33 -0.35 9.26 0.36
N ILE A 34 -1.07 8.49 -0.44
CA ILE A 34 -2.52 8.41 -0.34
C ILE A 34 -2.96 8.11 1.10
N HIS A 35 -2.07 7.45 1.84
CA HIS A 35 -2.36 7.10 3.23
C HIS A 35 -2.00 8.26 4.16
N THR A 36 -0.78 8.76 4.03
CA THR A 36 -0.31 9.85 4.86
C THR A 36 -0.80 11.19 4.33
N GLY A 37 -1.41 11.99 5.22
CA GLY A 37 -1.91 13.28 4.81
C GLY A 37 -1.13 14.43 5.44
N GLU A 38 -1.84 15.47 5.85
CA GLU A 38 -1.21 16.63 6.47
C GLU A 38 -1.42 16.63 7.98
N LYS A 39 -1.32 15.45 8.57
CA LYS A 39 -1.49 15.31 10.02
C LYS A 39 -0.29 14.59 10.64
N PRO A 40 0.08 15.02 11.86
CA PRO A 40 1.21 14.43 12.59
C PRO A 40 0.92 13.00 13.06
N SER A 41 1.83 12.09 12.75
CA SER A 41 1.67 10.70 13.14
C SER A 41 2.54 10.37 14.34
N GLY A 42 1.98 10.50 15.54
CA GLY A 42 2.73 10.22 16.74
C GLY A 42 3.37 8.85 16.71
N PRO A 43 4.55 8.74 17.34
CA PRO A 43 5.30 7.47 17.39
C PRO A 43 4.63 6.43 18.27
N SER A 44 5.19 5.23 18.31
CA SER A 44 4.64 4.14 19.11
C SER A 44 5.40 4.00 20.43
N SER A 45 4.82 3.24 21.35
CA SER A 45 5.44 3.02 22.65
C SER A 45 6.96 2.94 22.53
N GLY A 46 7.42 2.15 21.56
CA GLY A 46 8.85 1.98 21.34
C GLY A 46 9.38 2.94 20.29
ZN ZN B . -1.43 1.48 0.43
N GLY A 1 -1.09 -29.78 -15.74
CA GLY A 1 -0.32 -28.71 -16.37
C GLY A 1 0.41 -27.85 -15.37
N SER A 2 -0.29 -26.88 -14.79
CA SER A 2 0.32 -25.98 -13.81
C SER A 2 0.66 -26.73 -12.53
N SER A 3 1.94 -26.70 -12.16
CA SER A 3 2.41 -27.39 -10.96
C SER A 3 2.25 -26.48 -9.73
N GLY A 4 2.69 -25.23 -9.87
CA GLY A 4 2.58 -24.29 -8.77
C GLY A 4 3.87 -23.52 -8.55
N SER A 5 4.36 -22.88 -9.60
CA SER A 5 5.59 -22.10 -9.52
C SER A 5 5.31 -20.67 -9.07
N SER A 6 4.42 -20.53 -8.10
CA SER A 6 4.05 -19.21 -7.59
C SER A 6 5.26 -18.28 -7.58
N GLY A 7 5.27 -17.35 -8.54
CA GLY A 7 6.38 -16.40 -8.63
C GLY A 7 5.90 -14.97 -8.82
N THR A 8 5.40 -14.67 -10.00
CA THR A 8 4.92 -13.32 -10.31
C THR A 8 3.77 -12.94 -9.39
N GLY A 9 3.94 -11.84 -8.66
CA GLY A 9 2.92 -11.39 -7.74
C GLY A 9 3.47 -10.97 -6.40
N GLU A 10 4.54 -11.64 -5.97
CA GLU A 10 5.16 -11.33 -4.68
C GLU A 10 6.31 -10.33 -4.86
N LYS A 11 6.14 -9.13 -4.32
CA LYS A 11 7.15 -8.09 -4.41
C LYS A 11 7.88 -7.92 -3.08
N PRO A 12 9.12 -7.43 -3.14
CA PRO A 12 9.94 -7.19 -1.96
C PRO A 12 9.43 -6.03 -1.11
N TYR A 13 8.57 -5.20 -1.70
CA TYR A 13 8.01 -4.06 -1.01
C TYR A 13 6.49 -4.17 -0.91
N ARG A 14 5.98 -4.13 0.31
CA ARG A 14 4.55 -4.24 0.54
C ARG A 14 4.05 -3.06 1.39
N CYS A 15 2.88 -2.53 1.02
CA CYS A 15 2.29 -1.41 1.73
C CYS A 15 1.67 -1.86 3.05
N ALA A 16 2.13 -1.26 4.15
CA ALA A 16 1.63 -1.60 5.47
C ALA A 16 0.35 -0.83 5.79
N GLU A 17 -0.42 -0.53 4.75
CA GLU A 17 -1.67 0.21 4.91
C GLU A 17 -2.83 -0.54 4.25
N CYS A 18 -2.65 -0.92 2.99
CA CYS A 18 -3.68 -1.64 2.25
C CYS A 18 -3.22 -3.06 1.93
N GLY A 19 -2.01 -3.18 1.40
CA GLY A 19 -1.49 -4.49 1.05
C GLY A 19 -1.00 -4.56 -0.38
N LYS A 20 -0.59 -3.42 -0.93
CA LYS A 20 -0.11 -3.35 -2.31
C LYS A 20 1.35 -3.79 -2.39
N ALA A 21 1.74 -4.35 -3.53
CA ALA A 21 3.10 -4.80 -3.74
C ALA A 21 3.84 -3.89 -4.72
N PHE A 22 5.13 -3.68 -4.47
CA PHE A 22 5.95 -2.83 -5.33
C PHE A 22 7.33 -3.43 -5.53
N THR A 23 7.81 -3.40 -6.77
CA THR A 23 9.13 -3.94 -7.09
C THR A 23 10.24 -3.12 -6.45
N ASP A 24 10.06 -1.80 -6.43
CA ASP A 24 11.04 -0.90 -5.84
C ASP A 24 10.50 -0.24 -4.57
N ARG A 25 11.37 0.43 -3.83
CA ARG A 25 10.97 1.10 -2.60
C ARG A 25 10.49 2.52 -2.89
N SER A 26 11.24 3.24 -3.72
CA SER A 26 10.90 4.60 -4.08
C SER A 26 9.44 4.70 -4.51
N ASN A 27 9.03 3.79 -5.38
CA ASN A 27 7.65 3.77 -5.86
C ASN A 27 6.67 3.56 -4.72
N LEU A 28 6.99 2.62 -3.83
CA LEU A 28 6.14 2.32 -2.69
C LEU A 28 5.85 3.57 -1.88
N PHE A 29 6.90 4.22 -1.39
CA PHE A 29 6.76 5.44 -0.60
C PHE A 29 5.80 6.41 -1.27
N THR A 30 5.88 6.51 -2.60
CA THR A 30 5.02 7.40 -3.36
C THR A 30 3.56 6.98 -3.25
N HIS A 31 3.32 5.67 -3.25
CA HIS A 31 1.97 5.13 -3.14
C HIS A 31 1.40 5.37 -1.75
N GLN A 32 2.25 5.27 -0.74
CA GLN A 32 1.83 5.47 0.64
C GLN A 32 1.14 6.81 0.81
N LYS A 33 1.28 7.68 -0.18
CA LYS A 33 0.67 9.00 -0.14
C LYS A 33 -0.84 8.90 0.03
N ILE A 34 -1.40 7.76 -0.37
CA ILE A 34 -2.83 7.54 -0.27
C ILE A 34 -3.23 7.23 1.17
N HIS A 35 -2.24 7.00 2.02
CA HIS A 35 -2.48 6.70 3.43
C HIS A 35 -1.88 7.77 4.33
N THR A 36 -0.55 7.84 4.33
CA THR A 36 0.17 8.82 5.14
C THR A 36 -0.38 8.84 6.58
N GLY A 37 -0.74 7.67 7.07
CA GLY A 37 -1.26 7.56 8.43
C GLY A 37 -2.78 7.69 8.47
N GLU A 38 -3.30 8.00 9.65
CA GLU A 38 -4.74 8.16 9.83
C GLU A 38 -5.19 9.56 9.44
N LYS A 39 -6.08 9.64 8.46
CA LYS A 39 -6.59 10.93 7.99
C LYS A 39 -7.36 11.64 9.09
N PRO A 40 -7.25 12.97 9.14
CA PRO A 40 -7.93 13.79 10.15
C PRO A 40 -9.44 13.84 9.92
N SER A 41 -10.20 13.86 11.02
CA SER A 41 -11.65 13.90 10.94
C SER A 41 -12.23 14.85 11.98
N GLY A 42 -13.27 15.58 11.60
CA GLY A 42 -13.89 16.52 12.51
C GLY A 42 -14.71 17.57 11.79
N PRO A 43 -14.02 18.55 11.18
CA PRO A 43 -14.68 19.63 10.44
C PRO A 43 -15.33 19.15 9.16
N SER A 44 -15.07 17.89 8.80
CA SER A 44 -15.63 17.31 7.58
C SER A 44 -17.13 17.55 7.50
N SER A 45 -17.57 18.20 6.43
CA SER A 45 -18.98 18.50 6.23
C SER A 45 -19.38 18.29 4.78
N GLY A 46 -20.67 18.01 4.57
CA GLY A 46 -21.16 17.79 3.21
C GLY A 46 -21.27 16.32 2.87
ZN ZN B . -1.33 1.25 0.35
N GLY A 1 -13.49 -7.02 -18.32
CA GLY A 1 -12.63 -7.97 -17.66
C GLY A 1 -11.45 -8.38 -18.51
N SER A 2 -10.25 -8.23 -17.95
CA SER A 2 -9.03 -8.59 -18.67
C SER A 2 -7.91 -8.93 -17.69
N SER A 3 -6.76 -9.33 -18.24
CA SER A 3 -5.61 -9.68 -17.42
C SER A 3 -5.53 -8.80 -16.18
N GLY A 4 -5.40 -7.49 -16.40
CA GLY A 4 -5.31 -6.57 -15.29
C GLY A 4 -4.38 -7.05 -14.20
N SER A 5 -4.90 -7.13 -12.97
CA SER A 5 -4.11 -7.57 -11.83
C SER A 5 -4.22 -9.08 -11.65
N SER A 6 -3.15 -9.80 -11.97
CA SER A 6 -3.14 -11.25 -11.84
C SER A 6 -2.13 -11.69 -10.79
N GLY A 7 -2.63 -12.27 -9.69
CA GLY A 7 -1.77 -12.73 -8.63
C GLY A 7 -1.92 -11.90 -7.37
N THR A 8 -1.59 -12.50 -6.22
CA THR A 8 -1.70 -11.81 -4.94
C THR A 8 -0.65 -10.71 -4.82
N GLY A 9 0.57 -11.00 -5.27
CA GLY A 9 1.64 -10.02 -5.20
C GLY A 9 2.95 -10.63 -4.74
N GLU A 10 3.91 -10.69 -5.65
CA GLU A 10 5.22 -11.25 -5.34
C GLU A 10 6.33 -10.21 -5.51
N LYS A 11 6.55 -9.42 -4.46
CA LYS A 11 7.58 -8.39 -4.50
C LYS A 11 8.23 -8.23 -3.12
N PRO A 12 9.45 -7.68 -3.11
CA PRO A 12 10.22 -7.46 -1.87
C PRO A 12 9.60 -6.36 -1.02
N TYR A 13 8.91 -5.42 -1.65
CA TYR A 13 8.28 -4.32 -0.94
C TYR A 13 6.76 -4.48 -0.91
N ARG A 14 6.13 -3.91 0.11
CA ARG A 14 4.68 -3.99 0.25
C ARG A 14 4.15 -2.85 1.10
N CYS A 15 2.91 -2.46 0.85
CA CYS A 15 2.28 -1.36 1.59
C CYS A 15 1.69 -1.87 2.91
N ALA A 16 2.14 -1.29 4.01
CA ALA A 16 1.66 -1.67 5.33
C ALA A 16 0.39 -0.91 5.69
N GLU A 17 -0.39 -0.56 4.67
CA GLU A 17 -1.64 0.18 4.89
C GLU A 17 -2.82 -0.56 4.25
N CYS A 18 -2.69 -0.86 2.96
CA CYS A 18 -3.74 -1.55 2.24
C CYS A 18 -3.35 -3.00 1.95
N GLY A 19 -2.10 -3.20 1.54
CA GLY A 19 -1.62 -4.53 1.25
C GLY A 19 -1.22 -4.70 -0.20
N LYS A 20 -0.60 -3.67 -0.76
CA LYS A 20 -0.17 -3.70 -2.16
C LYS A 20 1.28 -4.15 -2.27
N ALA A 21 1.68 -4.57 -3.47
CA ALA A 21 3.05 -5.01 -3.70
C ALA A 21 3.81 -4.03 -4.60
N PHE A 22 5.09 -3.85 -4.33
CA PHE A 22 5.92 -2.94 -5.11
C PHE A 22 7.29 -3.54 -5.36
N THR A 23 7.75 -3.48 -6.61
CA THR A 23 9.04 -4.01 -6.99
C THR A 23 10.18 -3.20 -6.36
N ASP A 24 9.95 -1.90 -6.20
CA ASP A 24 10.95 -1.02 -5.61
C ASP A 24 10.37 -0.27 -4.41
N ARG A 25 11.24 0.42 -3.68
CA ARG A 25 10.82 1.18 -2.51
C ARG A 25 10.37 2.58 -2.89
N SER A 26 11.18 3.26 -3.71
CA SER A 26 10.88 4.61 -4.15
C SER A 26 9.42 4.72 -4.58
N ASN A 27 8.94 3.72 -5.30
CA ASN A 27 7.57 3.71 -5.78
C ASN A 27 6.59 3.52 -4.62
N LEU A 28 6.92 2.62 -3.71
CA LEU A 28 6.08 2.35 -2.55
C LEU A 28 5.80 3.63 -1.77
N PHE A 29 6.85 4.40 -1.51
CA PHE A 29 6.72 5.66 -0.78
C PHE A 29 5.68 6.56 -1.44
N THR A 30 5.77 6.71 -2.75
CA THR A 30 4.84 7.55 -3.50
C THR A 30 3.40 7.11 -3.25
N HIS A 31 3.18 5.81 -3.23
CA HIS A 31 1.84 5.26 -3.01
C HIS A 31 1.36 5.57 -1.59
N GLN A 32 2.22 5.32 -0.61
CA GLN A 32 1.88 5.57 0.78
C GLN A 32 1.18 6.91 0.95
N LYS A 33 1.40 7.81 -0.02
CA LYS A 33 0.79 9.13 0.02
C LYS A 33 -0.72 9.03 0.23
N ILE A 34 -1.36 8.16 -0.55
CA ILE A 34 -2.81 7.97 -0.43
C ILE A 34 -3.19 7.49 0.96
N HIS A 35 -2.19 7.14 1.76
CA HIS A 35 -2.42 6.66 3.12
C HIS A 35 -1.89 7.66 4.15
N THR A 36 -1.11 8.63 3.67
CA THR A 36 -0.53 9.64 4.55
C THR A 36 -1.44 10.86 4.64
N GLY A 37 -2.73 10.62 4.88
CA GLY A 37 -3.67 11.71 4.99
C GLY A 37 -5.08 11.23 5.29
N GLU A 38 -5.73 10.64 4.30
CA GLU A 38 -7.09 10.13 4.47
C GLU A 38 -7.24 8.76 3.82
N LYS A 39 -7.54 7.76 4.65
CA LYS A 39 -7.71 6.40 4.17
C LYS A 39 -9.18 6.11 3.85
N PRO A 40 -9.41 5.38 2.76
CA PRO A 40 -10.78 5.02 2.33
C PRO A 40 -11.43 4.01 3.27
N SER A 41 -10.64 3.07 3.78
CA SER A 41 -11.15 2.06 4.69
C SER A 41 -12.09 2.67 5.72
N GLY A 42 -12.88 1.81 6.37
CA GLY A 42 -13.81 2.29 7.38
C GLY A 42 -14.12 1.23 8.42
N PRO A 43 -15.22 0.50 8.21
CA PRO A 43 -15.65 -0.55 9.14
C PRO A 43 -14.72 -1.76 9.11
N SER A 44 -13.84 -1.85 10.11
CA SER A 44 -12.90 -2.95 10.20
C SER A 44 -12.44 -3.16 11.64
N SER A 45 -11.78 -4.29 11.89
CA SER A 45 -11.28 -4.61 13.22
C SER A 45 -10.11 -5.57 13.15
N GLY A 46 -9.51 -5.86 14.31
CA GLY A 46 -8.38 -6.76 14.36
C GLY A 46 -7.95 -7.08 15.77
ZN ZN B . -1.43 1.24 0.43
N GLY A 1 -1.64 -29.95 2.80
CA GLY A 1 -2.17 -29.71 1.47
C GLY A 1 -1.07 -29.49 0.45
N SER A 2 -1.44 -29.49 -0.83
CA SER A 2 -0.48 -29.28 -1.90
C SER A 2 -0.86 -28.09 -2.76
N SER A 3 0.12 -27.48 -3.40
CA SER A 3 -0.11 -26.32 -4.25
C SER A 3 0.13 -26.65 -5.71
N GLY A 4 -0.29 -25.76 -6.60
CA GLY A 4 -0.12 -25.99 -8.02
C GLY A 4 1.03 -25.19 -8.60
N SER A 5 0.95 -24.87 -9.89
CA SER A 5 2.00 -24.11 -10.55
C SER A 5 1.40 -23.03 -11.45
N SER A 6 1.93 -21.81 -11.33
CA SER A 6 1.45 -20.70 -12.13
C SER A 6 2.55 -19.67 -12.34
N GLY A 7 2.55 -19.04 -13.53
CA GLY A 7 3.55 -18.04 -13.83
C GLY A 7 3.30 -16.72 -13.13
N THR A 8 3.59 -16.68 -11.83
CA THR A 8 3.38 -15.47 -11.04
C THR A 8 4.57 -15.21 -10.12
N GLY A 9 4.57 -14.05 -9.48
CA GLY A 9 5.64 -13.70 -8.58
C GLY A 9 5.19 -12.78 -7.45
N GLU A 10 6.14 -12.33 -6.64
CA GLU A 10 5.83 -11.45 -5.52
C GLU A 10 6.88 -10.35 -5.39
N LYS A 11 6.47 -9.21 -4.82
CA LYS A 11 7.36 -8.09 -4.63
C LYS A 11 7.95 -8.09 -3.23
N PRO A 12 9.17 -7.54 -3.10
CA PRO A 12 9.87 -7.47 -1.80
C PRO A 12 9.22 -6.48 -0.85
N TYR A 13 8.76 -5.36 -1.39
CA TYR A 13 8.12 -4.33 -0.58
C TYR A 13 6.60 -4.51 -0.57
N ARG A 14 5.96 -4.11 0.53
CA ARG A 14 4.52 -4.23 0.66
C ARG A 14 3.96 -3.11 1.54
N CYS A 15 2.78 -2.62 1.17
CA CYS A 15 2.14 -1.55 1.90
C CYS A 15 1.44 -2.09 3.14
N ALA A 16 1.99 -1.77 4.31
CA ALA A 16 1.42 -2.23 5.58
C ALA A 16 0.09 -1.53 5.87
N GLU A 17 -0.30 -0.63 4.96
CA GLU A 17 -1.55 0.11 5.12
C GLU A 17 -2.71 -0.64 4.47
N CYS A 18 -2.65 -0.78 3.14
CA CYS A 18 -3.68 -1.47 2.39
C CYS A 18 -3.25 -2.88 2.04
N GLY A 19 -2.04 -3.02 1.51
CA GLY A 19 -1.53 -4.32 1.14
C GLY A 19 -1.21 -4.42 -0.34
N LYS A 20 -0.37 -3.51 -0.83
CA LYS A 20 0.01 -3.49 -2.24
C LYS A 20 1.47 -3.91 -2.40
N ALA A 21 1.79 -4.49 -3.56
CA ALA A 21 3.13 -4.93 -3.85
C ALA A 21 3.89 -3.89 -4.67
N PHE A 22 5.18 -3.73 -4.38
CA PHE A 22 6.01 -2.77 -5.10
C PHE A 22 7.38 -3.36 -5.39
N THR A 23 7.76 -3.37 -6.67
CA THR A 23 9.04 -3.91 -7.09
C THR A 23 10.19 -3.03 -6.59
N ASP A 24 9.88 -1.76 -6.32
CA ASP A 24 10.88 -0.82 -5.84
C ASP A 24 10.31 0.08 -4.74
N ARG A 25 10.99 0.11 -3.60
CA ARG A 25 10.55 0.92 -2.48
C ARG A 25 10.19 2.33 -2.92
N SER A 26 10.99 2.89 -3.82
CA SER A 26 10.75 4.23 -4.33
C SER A 26 9.29 4.42 -4.73
N ASN A 27 8.75 3.44 -5.45
CA ASN A 27 7.36 3.47 -5.89
C ASN A 27 6.41 3.43 -4.70
N LEU A 28 6.71 2.55 -3.75
CA LEU A 28 5.88 2.40 -2.55
C LEU A 28 5.66 3.74 -1.87
N PHE A 29 6.76 4.41 -1.53
CA PHE A 29 6.70 5.70 -0.87
C PHE A 29 5.70 6.63 -1.57
N THR A 30 5.82 6.71 -2.89
CA THR A 30 4.93 7.56 -3.69
C THR A 30 3.47 7.19 -3.45
N HIS A 31 3.22 5.90 -3.22
CA HIS A 31 1.86 5.43 -2.97
C HIS A 31 1.40 5.78 -1.56
N GLN A 32 2.22 5.43 -0.57
CA GLN A 32 1.90 5.71 0.83
C GLN A 32 1.24 7.07 0.97
N LYS A 33 1.54 7.97 0.02
CA LYS A 33 0.98 9.31 0.05
C LYS A 33 -0.54 9.27 0.23
N ILE A 34 -1.21 8.43 -0.55
CA ILE A 34 -2.66 8.29 -0.47
C ILE A 34 -3.09 7.85 0.93
N HIS A 35 -2.14 7.34 1.70
CA HIS A 35 -2.42 6.89 3.06
C HIS A 35 -2.08 7.98 4.08
N THR A 36 -0.78 8.18 4.30
CA THR A 36 -0.32 9.20 5.23
C THR A 36 -1.04 10.51 5.03
N GLY A 37 -1.62 10.69 3.85
CA GLY A 37 -2.35 11.91 3.55
C GLY A 37 -3.14 12.43 4.74
N GLU A 38 -4.02 11.59 5.27
CA GLU A 38 -4.84 11.98 6.41
C GLU A 38 -4.06 11.83 7.71
N LYS A 39 -3.76 12.96 8.35
CA LYS A 39 -3.02 12.95 9.61
C LYS A 39 -3.90 12.46 10.76
N PRO A 40 -3.31 11.65 11.65
CA PRO A 40 -4.01 11.10 12.81
C PRO A 40 -4.34 12.17 13.85
N SER A 41 -5.45 12.86 13.65
CA SER A 41 -5.88 13.91 14.57
C SER A 41 -6.24 13.32 15.93
N GLY A 42 -5.90 14.04 17.00
CA GLY A 42 -6.20 13.57 18.34
C GLY A 42 -5.13 12.64 18.88
N PRO A 43 -4.90 12.70 20.20
CA PRO A 43 -3.91 11.86 20.87
C PRO A 43 -4.31 10.39 20.91
N SER A 44 -5.62 10.16 21.07
CA SER A 44 -6.14 8.79 21.13
C SER A 44 -7.39 8.65 20.27
N SER A 45 -7.37 7.66 19.39
CA SER A 45 -8.50 7.42 18.49
C SER A 45 -9.61 6.64 19.21
N GLY A 46 -9.24 5.50 19.79
CA GLY A 46 -10.20 4.68 20.49
C GLY A 46 -10.45 3.35 19.80
ZN ZN B . -1.24 1.37 0.52
N GLY A 1 -15.36 -18.24 2.35
CA GLY A 1 -13.93 -18.41 2.45
C GLY A 1 -13.15 -17.28 1.77
N SER A 2 -11.89 -17.13 2.15
CA SER A 2 -11.05 -16.09 1.58
C SER A 2 -9.57 -16.40 1.78
N SER A 3 -8.75 -16.02 0.81
CA SER A 3 -7.31 -16.27 0.88
C SER A 3 -6.53 -15.01 0.54
N GLY A 4 -5.34 -14.88 1.11
CA GLY A 4 -4.50 -13.73 0.85
C GLY A 4 -3.02 -14.03 1.00
N SER A 5 -2.66 -14.68 2.09
CA SER A 5 -1.26 -15.02 2.35
C SER A 5 -0.88 -16.31 1.62
N SER A 6 -0.59 -16.18 0.33
CA SER A 6 -0.20 -17.33 -0.47
C SER A 6 0.38 -16.89 -1.81
N GLY A 7 1.21 -17.75 -2.42
CA GLY A 7 1.82 -17.42 -3.69
C GLY A 7 3.25 -17.91 -3.78
N THR A 8 3.79 -17.93 -5.00
CA THR A 8 5.16 -18.37 -5.22
C THR A 8 5.95 -17.35 -6.02
N GLY A 9 5.74 -16.08 -5.72
CA GLY A 9 6.44 -15.02 -6.43
C GLY A 9 5.77 -13.67 -6.25
N GLU A 10 6.31 -12.86 -5.33
CA GLU A 10 5.76 -11.54 -5.07
C GLU A 10 6.87 -10.51 -4.94
N LYS A 11 6.50 -9.23 -4.97
CA LYS A 11 7.47 -8.15 -4.86
C LYS A 11 8.10 -8.12 -3.47
N PRO A 12 9.32 -7.58 -3.39
CA PRO A 12 10.06 -7.47 -2.11
C PRO A 12 9.44 -6.46 -1.17
N TYR A 13 8.77 -5.45 -1.73
CA TYR A 13 8.14 -4.42 -0.93
C TYR A 13 6.63 -4.65 -0.85
N ARG A 14 6.00 -4.02 0.14
CA ARG A 14 4.55 -4.15 0.33
C ARG A 14 4.03 -3.10 1.31
N CYS A 15 2.91 -2.48 0.97
CA CYS A 15 2.32 -1.45 1.81
C CYS A 15 1.62 -2.08 3.01
N ALA A 16 2.06 -1.70 4.21
CA ALA A 16 1.48 -2.22 5.43
C ALA A 16 0.16 -1.50 5.77
N GLU A 17 -0.22 -0.56 4.91
CA GLU A 17 -1.45 0.20 5.12
C GLU A 17 -2.62 -0.46 4.39
N CYS A 18 -2.42 -0.76 3.12
CA CYS A 18 -3.45 -1.39 2.30
C CYS A 18 -3.11 -2.84 2.01
N GLY A 19 -1.87 -3.08 1.61
CA GLY A 19 -1.42 -4.43 1.29
C GLY A 19 -1.06 -4.60 -0.17
N LYS A 20 -0.66 -3.50 -0.81
CA LYS A 20 -0.30 -3.54 -2.22
C LYS A 20 1.15 -3.98 -2.40
N ALA A 21 1.49 -4.48 -3.58
CA ALA A 21 2.83 -4.93 -3.88
C ALA A 21 3.59 -3.89 -4.69
N PHE A 22 4.90 -3.78 -4.44
CA PHE A 22 5.74 -2.82 -5.15
C PHE A 22 7.12 -3.41 -5.43
N THR A 23 7.52 -3.41 -6.69
CA THR A 23 8.81 -3.93 -7.10
C THR A 23 9.95 -3.06 -6.57
N ASP A 24 9.69 -1.77 -6.46
CA ASP A 24 10.69 -0.82 -5.97
C ASP A 24 10.18 -0.09 -4.74
N ARG A 25 11.11 0.33 -3.88
CA ARG A 25 10.76 1.04 -2.66
C ARG A 25 10.24 2.44 -2.97
N SER A 26 11.05 3.20 -3.73
CA SER A 26 10.67 4.56 -4.10
C SER A 26 9.19 4.64 -4.46
N ASN A 27 8.74 3.72 -5.30
CA ASN A 27 7.35 3.68 -5.73
C ASN A 27 6.42 3.52 -4.53
N LEU A 28 6.77 2.59 -3.64
CA LEU A 28 5.97 2.34 -2.45
C LEU A 28 5.77 3.62 -1.64
N PHE A 29 6.88 4.20 -1.19
CA PHE A 29 6.82 5.42 -0.39
C PHE A 29 5.94 6.47 -1.07
N THR A 30 6.07 6.58 -2.40
CA THR A 30 5.30 7.54 -3.16
C THR A 30 3.81 7.22 -3.11
N HIS A 31 3.49 5.92 -3.04
CA HIS A 31 2.11 5.48 -2.98
C HIS A 31 1.50 5.75 -1.61
N GLN A 32 2.23 5.37 -0.56
CA GLN A 32 1.77 5.57 0.80
C GLN A 32 1.10 6.94 0.96
N LYS A 33 1.49 7.88 0.10
CA LYS A 33 0.93 9.22 0.14
C LYS A 33 -0.60 9.18 0.15
N ILE A 34 -1.16 8.33 -0.70
CA ILE A 34 -2.61 8.19 -0.79
C ILE A 34 -3.23 7.96 0.59
N HIS A 35 -2.43 7.42 1.51
CA HIS A 35 -2.88 7.15 2.87
C HIS A 35 -2.79 8.40 3.72
N THR A 36 -1.57 8.76 4.13
CA THR A 36 -1.35 9.93 4.96
C THR A 36 -2.14 11.12 4.45
N GLY A 37 -2.37 11.16 3.14
CA GLY A 37 -3.13 12.25 2.55
C GLY A 37 -2.36 13.56 2.58
N GLU A 38 -1.87 13.98 1.42
CA GLU A 38 -1.12 15.23 1.31
C GLU A 38 -1.90 16.28 0.52
N LYS A 39 -2.87 16.90 1.18
CA LYS A 39 -3.69 17.93 0.55
C LYS A 39 -4.13 18.97 1.55
N PRO A 40 -4.14 20.25 1.13
CA PRO A 40 -4.54 21.37 1.98
C PRO A 40 -6.04 21.36 2.29
N SER A 41 -6.85 21.24 1.25
CA SER A 41 -8.30 21.23 1.40
C SER A 41 -8.99 20.94 0.07
N GLY A 42 -9.84 19.92 0.07
CA GLY A 42 -10.55 19.56 -1.15
C GLY A 42 -11.90 18.93 -0.87
N PRO A 43 -12.92 19.77 -0.62
CA PRO A 43 -14.27 19.31 -0.33
C PRO A 43 -14.95 18.68 -1.56
N SER A 44 -14.27 18.73 -2.69
CA SER A 44 -14.80 18.18 -3.93
C SER A 44 -14.21 16.80 -4.21
N SER A 45 -14.86 15.76 -3.69
CA SER A 45 -14.38 14.39 -3.89
C SER A 45 -15.32 13.63 -4.81
N GLY A 46 -16.60 13.62 -4.47
CA GLY A 46 -17.57 12.91 -5.29
C GLY A 46 -17.19 11.47 -5.54
ZN ZN B . -1.06 1.67 0.55
N GLY A 1 -9.29 -16.59 8.74
CA GLY A 1 -8.68 -17.85 8.38
C GLY A 1 -8.05 -17.81 7.00
N SER A 2 -8.23 -18.87 6.23
CA SER A 2 -7.68 -18.95 4.88
C SER A 2 -8.38 -20.04 4.06
N SER A 3 -8.26 -19.95 2.75
CA SER A 3 -8.89 -20.92 1.86
C SER A 3 -7.85 -21.83 1.23
N GLY A 4 -6.84 -21.23 0.61
CA GLY A 4 -5.78 -22.00 -0.02
C GLY A 4 -4.64 -21.14 -0.51
N SER A 5 -4.32 -21.24 -1.79
CA SER A 5 -3.24 -20.47 -2.39
C SER A 5 -3.58 -18.98 -2.40
N SER A 6 -3.35 -18.32 -1.27
CA SER A 6 -3.63 -16.89 -1.15
C SER A 6 -2.82 -16.09 -2.15
N GLY A 7 -1.51 -16.35 -2.19
CA GLY A 7 -0.64 -15.64 -3.11
C GLY A 7 -0.90 -14.15 -3.12
N THR A 8 -0.35 -13.45 -2.13
CA THR A 8 -0.52 -12.01 -2.02
C THR A 8 0.33 -11.28 -3.05
N GLY A 9 1.62 -11.60 -3.09
CA GLY A 9 2.53 -10.96 -4.03
C GLY A 9 3.97 -11.32 -3.78
N GLU A 10 4.72 -11.52 -4.86
CA GLU A 10 6.14 -11.87 -4.75
C GLU A 10 6.99 -10.63 -4.50
N LYS A 11 6.55 -9.50 -5.03
CA LYS A 11 7.27 -8.24 -4.84
C LYS A 11 7.87 -8.14 -3.45
N PRO A 12 9.10 -7.63 -3.36
CA PRO A 12 9.80 -7.47 -2.08
C PRO A 12 9.18 -6.38 -1.22
N TYR A 13 8.65 -5.35 -1.86
CA TYR A 13 8.03 -4.24 -1.15
C TYR A 13 6.52 -4.43 -1.04
N ARG A 14 5.97 -4.02 0.10
CA ARG A 14 4.54 -4.16 0.33
C ARG A 14 4.01 -2.99 1.17
N CYS A 15 2.77 -2.61 0.92
CA CYS A 15 2.15 -1.51 1.65
C CYS A 15 1.32 -2.02 2.83
N ALA A 16 2.00 -2.29 3.94
CA ALA A 16 1.34 -2.80 5.13
C ALA A 16 0.07 -2.00 5.43
N GLU A 17 0.02 -0.77 4.93
CA GLU A 17 -1.14 0.09 5.14
C GLU A 17 -2.40 -0.54 4.56
N CYS A 18 -2.39 -0.78 3.25
CA CYS A 18 -3.53 -1.38 2.58
C CYS A 18 -3.25 -2.83 2.22
N GLY A 19 -2.02 -3.11 1.78
CA GLY A 19 -1.66 -4.47 1.42
C GLY A 19 -1.34 -4.61 -0.06
N LYS A 20 -0.59 -3.65 -0.59
CA LYS A 20 -0.22 -3.66 -2.01
C LYS A 20 1.20 -4.16 -2.19
N ALA A 21 1.60 -4.36 -3.44
CA ALA A 21 2.94 -4.83 -3.75
C ALA A 21 3.67 -3.86 -4.68
N PHE A 22 4.99 -3.78 -4.53
CA PHE A 22 5.80 -2.88 -5.35
C PHE A 22 7.18 -3.48 -5.59
N THR A 23 7.77 -3.13 -6.74
CA THR A 23 9.09 -3.64 -7.10
C THR A 23 10.15 -2.55 -6.92
N ASP A 24 9.90 -1.62 -6.00
CA ASP A 24 10.83 -0.53 -5.74
C ASP A 24 10.40 0.28 -4.53
N ARG A 25 11.36 0.59 -3.66
CA ARG A 25 11.07 1.37 -2.46
C ARG A 25 10.45 2.71 -2.80
N SER A 26 11.10 3.44 -3.71
CA SER A 26 10.62 4.75 -4.13
C SER A 26 9.15 4.68 -4.55
N ASN A 27 8.81 3.65 -5.30
CA ASN A 27 7.44 3.45 -5.77
C ASN A 27 6.48 3.31 -4.60
N LEU A 28 6.86 2.51 -3.62
CA LEU A 28 6.04 2.27 -2.43
C LEU A 28 5.80 3.58 -1.68
N PHE A 29 6.89 4.21 -1.23
CA PHE A 29 6.81 5.45 -0.49
C PHE A 29 5.92 6.46 -1.22
N THR A 30 6.04 6.49 -2.55
CA THR A 30 5.24 7.40 -3.37
C THR A 30 3.75 7.09 -3.25
N HIS A 31 3.43 5.80 -3.22
CA HIS A 31 2.04 5.36 -3.11
C HIS A 31 1.48 5.66 -1.73
N GLN A 32 2.23 5.26 -0.70
CA GLN A 32 1.81 5.48 0.68
C GLN A 32 1.16 6.85 0.84
N LYS A 33 1.53 7.78 -0.03
CA LYS A 33 0.99 9.13 0.01
C LYS A 33 -0.54 9.10 0.08
N ILE A 34 -1.14 8.25 -0.74
CA ILE A 34 -2.60 8.13 -0.78
C ILE A 34 -3.16 7.94 0.63
N HIS A 35 -2.31 7.49 1.54
CA HIS A 35 -2.73 7.26 2.92
C HIS A 35 -2.56 8.53 3.76
N THR A 36 -1.44 9.22 3.56
CA THR A 36 -1.16 10.45 4.29
C THR A 36 -1.43 11.68 3.42
N GLY A 37 -2.70 12.05 3.31
CA GLY A 37 -3.07 13.22 2.52
C GLY A 37 -4.55 13.24 2.16
N GLU A 38 -5.25 14.25 2.65
CA GLU A 38 -6.68 14.38 2.39
C GLU A 38 -6.97 15.63 1.55
N LYS A 39 -8.00 15.53 0.71
CA LYS A 39 -8.38 16.65 -0.15
C LYS A 39 -9.83 17.05 0.09
N PRO A 40 -10.06 17.83 1.16
CA PRO A 40 -11.40 18.30 1.52
C PRO A 40 -11.95 19.32 0.53
N SER A 41 -13.20 19.72 0.72
CA SER A 41 -13.84 20.69 -0.16
C SER A 41 -13.63 22.11 0.35
N GLY A 42 -12.40 22.40 0.78
CA GLY A 42 -12.09 23.72 1.29
C GLY A 42 -13.24 24.35 2.04
N PRO A 43 -13.56 23.78 3.21
CA PRO A 43 -14.65 24.27 4.06
C PRO A 43 -14.35 25.63 4.68
N SER A 44 -13.17 25.74 5.28
CA SER A 44 -12.76 26.99 5.93
C SER A 44 -11.67 27.68 5.11
N SER A 45 -10.68 26.90 4.68
CA SER A 45 -9.58 27.44 3.89
C SER A 45 -8.67 28.32 4.76
N GLY A 46 -8.41 27.85 5.98
CA GLY A 46 -7.56 28.60 6.88
C GLY A 46 -6.63 27.71 7.68
ZN ZN B . -1.24 1.58 0.46
N GLY A 1 -11.25 -9.15 9.43
CA GLY A 1 -10.57 -9.47 8.19
C GLY A 1 -9.85 -8.28 7.60
N SER A 2 -8.57 -8.14 7.92
CA SER A 2 -7.77 -7.02 7.42
C SER A 2 -6.78 -7.50 6.36
N SER A 3 -5.96 -8.47 6.71
CA SER A 3 -4.97 -9.02 5.78
C SER A 3 -5.47 -10.32 5.16
N GLY A 4 -5.98 -10.23 3.94
CA GLY A 4 -6.48 -11.40 3.25
C GLY A 4 -5.91 -11.54 1.84
N SER A 5 -6.72 -12.08 0.93
CA SER A 5 -6.30 -12.27 -0.44
C SER A 5 -6.77 -11.12 -1.32
N SER A 6 -6.64 -9.90 -0.82
CA SER A 6 -7.06 -8.71 -1.55
C SER A 6 -5.85 -7.94 -2.07
N GLY A 7 -4.86 -8.67 -2.59
CA GLY A 7 -3.67 -8.04 -3.11
C GLY A 7 -2.44 -8.93 -3.00
N THR A 8 -2.50 -10.10 -3.63
CA THR A 8 -1.40 -11.04 -3.60
C THR A 8 -0.20 -10.52 -4.40
N GLY A 9 1.00 -10.82 -3.92
CA GLY A 9 2.20 -10.38 -4.60
C GLY A 9 3.46 -10.92 -3.97
N GLU A 10 4.45 -11.26 -4.81
CA GLU A 10 5.71 -11.78 -4.31
C GLU A 10 6.83 -10.76 -4.47
N LYS A 11 6.51 -9.50 -4.20
CA LYS A 11 7.48 -8.42 -4.30
C LYS A 11 8.15 -8.16 -2.95
N PRO A 12 9.39 -7.65 -2.99
CA PRO A 12 10.16 -7.34 -1.78
C PRO A 12 9.59 -6.14 -1.02
N TYR A 13 8.75 -5.37 -1.69
CA TYR A 13 8.14 -4.20 -1.08
C TYR A 13 6.61 -4.30 -1.12
N ARG A 14 5.98 -4.06 0.03
CA ARG A 14 4.53 -4.12 0.12
C ARG A 14 4.00 -3.06 1.09
N CYS A 15 2.78 -2.61 0.85
CA CYS A 15 2.16 -1.59 1.70
C CYS A 15 1.36 -2.23 2.83
N ALA A 16 1.85 -2.07 4.06
CA ALA A 16 1.17 -2.63 5.22
C ALA A 16 -0.16 -1.94 5.48
N GLU A 17 -0.34 -0.76 4.89
CA GLU A 17 -1.57 0.00 5.04
C GLU A 17 -2.72 -0.67 4.31
N CYS A 18 -2.56 -0.84 2.99
CA CYS A 18 -3.59 -1.45 2.16
C CYS A 18 -3.24 -2.91 1.88
N GLY A 19 -2.00 -3.15 1.45
CA GLY A 19 -1.56 -4.50 1.16
C GLY A 19 -1.26 -4.69 -0.32
N LYS A 20 -0.60 -3.71 -0.93
CA LYS A 20 -0.25 -3.77 -2.33
C LYS A 20 1.21 -4.16 -2.51
N ALA A 21 1.56 -4.61 -3.71
CA ALA A 21 2.93 -5.02 -4.00
C ALA A 21 3.66 -3.93 -4.78
N PHE A 22 4.96 -3.80 -4.51
CA PHE A 22 5.77 -2.80 -5.18
C PHE A 22 7.14 -3.37 -5.56
N THR A 23 7.65 -2.95 -6.72
CA THR A 23 8.94 -3.42 -7.19
C THR A 23 10.09 -2.80 -6.39
N ASP A 24 10.02 -1.49 -6.19
CA ASP A 24 11.05 -0.78 -5.43
C ASP A 24 10.41 0.13 -4.38
N ARG A 25 11.26 0.78 -3.58
CA ARG A 25 10.78 1.67 -2.53
C ARG A 25 10.14 2.92 -3.14
N SER A 26 10.92 3.65 -3.92
CA SER A 26 10.43 4.88 -4.56
C SER A 26 8.95 4.75 -4.93
N ASN A 27 8.63 3.66 -5.62
CA ASN A 27 7.25 3.42 -6.04
C ASN A 27 6.32 3.28 -4.84
N LEU A 28 6.77 2.52 -3.84
CA LEU A 28 5.98 2.32 -2.63
C LEU A 28 5.80 3.62 -1.86
N PHE A 29 6.92 4.22 -1.46
CA PHE A 29 6.90 5.48 -0.72
C PHE A 29 5.97 6.48 -1.40
N THR A 30 6.01 6.53 -2.73
CA THR A 30 5.18 7.45 -3.49
C THR A 30 3.71 7.14 -3.29
N HIS A 31 3.37 5.86 -3.26
CA HIS A 31 1.99 5.43 -3.07
C HIS A 31 1.54 5.68 -1.64
N GLN A 32 2.31 5.17 -0.68
CA GLN A 32 1.97 5.34 0.73
C GLN A 32 1.36 6.70 0.98
N LYS A 33 1.75 7.69 0.17
CA LYS A 33 1.24 9.04 0.32
C LYS A 33 -0.29 9.04 0.47
N ILE A 34 -0.96 8.32 -0.42
CA ILE A 34 -2.42 8.22 -0.39
C ILE A 34 -2.91 8.01 1.04
N HIS A 35 -2.08 7.40 1.88
CA HIS A 35 -2.44 7.14 3.26
C HIS A 35 -2.08 8.32 4.15
N THR A 36 -0.78 8.66 4.19
CA THR A 36 -0.31 9.77 4.99
C THR A 36 -0.47 11.10 4.27
N GLY A 37 -1.39 11.92 4.75
CA GLY A 37 -1.62 13.22 4.13
C GLY A 37 -3.09 13.58 4.10
N GLU A 38 -3.92 12.67 3.61
CA GLU A 38 -5.36 12.91 3.54
C GLU A 38 -5.92 13.33 4.89
N LYS A 39 -7.22 13.60 4.94
CA LYS A 39 -7.88 14.02 6.17
C LYS A 39 -7.75 12.95 7.25
N PRO A 40 -7.73 13.38 8.51
CA PRO A 40 -7.62 12.47 9.66
C PRO A 40 -8.87 11.63 9.86
N SER A 41 -9.86 11.83 8.99
CA SER A 41 -11.11 11.09 9.08
C SER A 41 -11.84 11.43 10.37
N GLY A 42 -12.05 12.72 10.61
CA GLY A 42 -12.74 13.14 11.81
C GLY A 42 -11.85 13.93 12.75
N PRO A 43 -12.41 14.37 13.88
CA PRO A 43 -11.66 15.15 14.88
C PRO A 43 -10.61 14.31 15.61
N SER A 44 -10.51 13.04 15.23
CA SER A 44 -9.55 12.14 15.84
C SER A 44 -8.25 12.87 16.19
N SER A 45 -7.88 12.84 17.46
CA SER A 45 -6.67 13.50 17.93
C SER A 45 -5.56 12.50 18.16
N GLY A 46 -5.83 11.48 18.97
CA GLY A 46 -4.84 10.46 19.26
C GLY A 46 -5.31 9.49 20.33
ZN ZN B . -1.16 1.62 0.52
N GLY A 1 -14.73 -14.26 2.58
CA GLY A 1 -14.76 -14.85 1.25
C GLY A 1 -13.93 -14.06 0.25
N SER A 2 -12.64 -13.93 0.51
CA SER A 2 -11.73 -13.20 -0.36
C SER A 2 -11.05 -14.14 -1.35
N SER A 3 -10.30 -15.09 -0.81
CA SER A 3 -9.59 -16.07 -1.64
C SER A 3 -8.62 -15.36 -2.59
N GLY A 4 -7.93 -14.35 -2.08
CA GLY A 4 -6.98 -13.61 -2.89
C GLY A 4 -6.20 -14.50 -3.83
N SER A 5 -6.50 -14.43 -5.12
CA SER A 5 -5.81 -15.25 -6.11
C SER A 5 -4.30 -15.09 -5.99
N SER A 6 -3.65 -16.09 -5.40
CA SER A 6 -2.21 -16.06 -5.21
C SER A 6 -1.52 -17.10 -6.11
N GLY A 7 -0.47 -16.67 -6.79
CA GLY A 7 0.25 -17.56 -7.67
C GLY A 7 1.75 -17.47 -7.49
N THR A 8 2.45 -17.00 -8.52
CA THR A 8 3.90 -16.87 -8.48
C THR A 8 4.33 -15.45 -8.83
N GLY A 9 5.21 -14.89 -8.02
CA GLY A 9 5.69 -13.53 -8.27
C GLY A 9 5.35 -12.58 -7.14
N GLU A 10 6.18 -12.60 -6.09
CA GLU A 10 5.96 -11.73 -4.94
C GLU A 10 6.96 -10.59 -4.92
N LYS A 11 6.49 -9.41 -4.53
CA LYS A 11 7.34 -8.23 -4.47
C LYS A 11 7.99 -8.09 -3.09
N PRO A 12 9.20 -7.51 -3.06
CA PRO A 12 9.94 -7.31 -1.82
C PRO A 12 9.30 -6.25 -0.92
N TYR A 13 8.70 -5.25 -1.55
CA TYR A 13 8.05 -4.18 -0.81
C TYR A 13 6.54 -4.35 -0.79
N ARG A 14 5.90 -3.91 0.29
CA ARG A 14 4.46 -4.03 0.42
C ARG A 14 3.90 -2.88 1.28
N CYS A 15 2.66 -2.50 1.00
CA CYS A 15 2.01 -1.42 1.74
C CYS A 15 1.31 -1.96 2.97
N ALA A 16 1.87 -1.68 4.14
CA ALA A 16 1.29 -2.13 5.40
C ALA A 16 -0.07 -1.50 5.65
N GLU A 17 -0.41 -0.51 4.81
CA GLU A 17 -1.68 0.18 4.93
C GLU A 17 -2.80 -0.61 4.26
N CYS A 18 -2.70 -0.75 2.94
CA CYS A 18 -3.70 -1.48 2.17
C CYS A 18 -3.27 -2.93 1.95
N GLY A 19 -2.03 -3.11 1.50
CA GLY A 19 -1.52 -4.44 1.25
C GLY A 19 -1.12 -4.65 -0.20
N LYS A 20 -0.72 -3.57 -0.86
CA LYS A 20 -0.31 -3.64 -2.26
C LYS A 20 1.13 -4.15 -2.38
N ALA A 21 1.53 -4.44 -3.61
CA ALA A 21 2.89 -4.94 -3.86
C ALA A 21 3.67 -3.97 -4.74
N PHE A 22 4.96 -3.82 -4.45
CA PHE A 22 5.82 -2.93 -5.22
C PHE A 22 7.21 -3.54 -5.40
N THR A 23 7.73 -3.44 -6.62
CA THR A 23 9.06 -3.98 -6.92
C THR A 23 10.16 -3.09 -6.37
N ASP A 24 9.92 -1.77 -6.40
CA ASP A 24 10.89 -0.81 -5.90
C ASP A 24 10.33 -0.05 -4.69
N ARG A 25 11.22 0.58 -3.94
CA ARG A 25 10.82 1.35 -2.77
C ARG A 25 10.29 2.73 -3.17
N SER A 26 11.06 3.43 -3.99
CA SER A 26 10.67 4.76 -4.45
C SER A 26 9.19 4.82 -4.78
N ASN A 27 8.72 3.81 -5.51
CA ASN A 27 7.32 3.73 -5.90
C ASN A 27 6.41 3.57 -4.67
N LEU A 28 6.75 2.59 -3.84
CA LEU A 28 5.97 2.33 -2.63
C LEU A 28 5.76 3.61 -1.83
N PHE A 29 6.85 4.27 -1.46
CA PHE A 29 6.78 5.51 -0.70
C PHE A 29 5.83 6.50 -1.35
N THR A 30 5.97 6.68 -2.67
CA THR A 30 5.13 7.60 -3.41
C THR A 30 3.66 7.19 -3.32
N HIS A 31 3.42 5.89 -3.16
CA HIS A 31 2.06 5.38 -3.06
C HIS A 31 1.50 5.58 -1.65
N GLN A 32 2.30 5.19 -0.65
CA GLN A 32 1.89 5.33 0.73
C GLN A 32 1.30 6.72 1.00
N LYS A 33 1.63 7.66 0.13
CA LYS A 33 1.15 9.03 0.26
C LYS A 33 -0.37 9.06 0.40
N ILE A 34 -1.05 8.21 -0.36
CA ILE A 34 -2.50 8.13 -0.33
C ILE A 34 -3.00 7.76 1.07
N HIS A 35 -2.06 7.38 1.94
CA HIS A 35 -2.40 7.00 3.31
C HIS A 35 -1.85 8.01 4.31
N THR A 36 -0.83 8.75 3.89
CA THR A 36 -0.21 9.76 4.74
C THR A 36 -1.13 10.96 4.93
N GLY A 37 -0.67 11.93 5.71
CA GLY A 37 -1.46 13.13 5.95
C GLY A 37 -2.30 13.02 7.21
N GLU A 38 -2.33 14.09 8.00
CA GLU A 38 -3.10 14.11 9.24
C GLU A 38 -4.08 15.27 9.24
N LYS A 39 -5.31 15.00 9.68
CA LYS A 39 -6.34 16.03 9.74
C LYS A 39 -6.55 16.50 11.18
N PRO A 40 -6.73 17.83 11.34
CA PRO A 40 -6.95 18.43 12.65
C PRO A 40 -8.31 18.06 13.25
N SER A 41 -8.36 16.95 13.96
CA SER A 41 -9.61 16.49 14.57
C SER A 41 -9.33 15.37 15.58
N GLY A 42 -9.52 15.67 16.85
CA GLY A 42 -9.29 14.69 17.90
C GLY A 42 -7.82 14.37 18.08
N PRO A 43 -7.12 15.21 18.85
CA PRO A 43 -5.68 15.03 19.11
C PRO A 43 -5.40 13.82 20.00
N SER A 44 -4.34 13.09 19.68
CA SER A 44 -3.97 11.91 20.45
C SER A 44 -4.29 12.10 21.93
N SER A 45 -4.83 11.06 22.55
CA SER A 45 -5.19 11.11 23.97
C SER A 45 -4.61 9.91 24.71
N GLY A 46 -4.71 8.73 24.10
CA GLY A 46 -4.20 7.52 24.72
C GLY A 46 -2.85 7.75 25.38
ZN ZN B . -1.37 1.53 0.24
#